data_1R09
#
_entry.id   1R09
#
_cell.length_a   445.100
_cell.length_b   445.100
_cell.length_c   445.100
_cell.angle_alpha   90.00
_cell.angle_beta   90.00
_cell.angle_gamma   90.00
#
_symmetry.space_group_name_H-M   'P 21 3'
#
loop_
_entity.id
_entity.type
_entity.pdbx_description
1 polymer 'HUMAN RHINOVIRUS 14 COAT PROTEIN (SUBUNIT VP1)'
2 polymer 'HUMAN RHINOVIRUS 14 COAT PROTEIN (SUBUNIT VP2)'
3 polymer 'HUMAN RHINOVIRUS 14 COAT PROTEIN (SUBUNIT VP3)'
4 polymer 'HUMAN RHINOVIRUS 14 COAT PROTEIN (SUBUNIT VP4)'
5 non-polymer 3-METHOXY-6-[4-(3-METHYLPHENYL)-1-PIPERAZINYL]PYRIDAZINE
6 non-polymer 'DIMETHYL SULFOXIDE'
7 water water
#
loop_
_entity_poly.entity_id
_entity_poly.type
_entity_poly.pdbx_seq_one_letter_code
_entity_poly.pdbx_strand_id
1 'polypeptide(L)'
;GLGDELEEVIVEKTKQTVASISSGPKHTQKVPILTANETGATMPVLPSDSIETRTTYMHFNGSETDVECFLGRAACVHVT
EIQNKDATGIDNHREAKLFNDWKINLSSLVQLRKKLELFTYVRFDSEYTILATASQPDSANYSSNLVVQAMYVPPGAPNP
KEWDDYTWQSASNPSVFFKVGDTSRFSVPYVGLASAYNCFYDGYSHDDAETQYGITVLNHMGSMAFRIVNEHDEHKTLVK
IRVYHRAKHVEAWIPRAPRALPYTSIGRTNYPKNTEPVIKKRKGDIKSY
;
1
2 'polypeptide(L)'
;SPNVEACGYSDRVQQITLGNSTITTQEAANAVVCYAEWPEYLPDVDASDVNKTSKPDTSVCRFYTLDSKTWTTGSKGWCW
KLPDALKDMGVFGQNMFFHSLGRSGYTVHVQCNATKFHSGCLLVVVIPEHQLASHEGGNVSVKYTFTHPGERGIDLSSAN
EVGGPVKDVLYNMNGTLLGNLLIFPHQFINLRTNNTATIVIPYINSVPIDSMTRHNNVSLMVIPIAPLTVPTGATPSLPI
TVTIAPMCTEFSGIRSKSIVPQ
;
2
3 'polypeptide(L)'
;GLPTTTLPGSGQFLTTDDRQSPSALPNYEPTPRIHIPGKVHNLLEIIQVDTLIPMNNTHTKDEVNSYLIPLNANRQNEQV
FGTNLFIGDGVFKTTLLGEIVQYYTHWSGSLRFSLMYTGPALSSAKLILAYTPPGARGPQDRREAMLGTHVVWDIGLQST
IVMTIPWTSGVQFRYTDPDTYTSAGFLSCWYQTSLILPPETTGQVYLLSFISACPDFKLRLMKDTQTISQTVALTE
;
3
4 'polypeptide(L)' GAQVSTQKSGSHENQNILTNGSNQTFTVINYYKDAASTSSAGQSLSMDPSKFTEPVKDLMLKGAPALN 4
#
loop_
_chem_comp.id
_chem_comp.type
_chem_comp.name
_chem_comp.formula
DMS non-polymer 'DIMETHYL SULFOXIDE' 'C2 H6 O S'
JEN non-polymer 3-METHOXY-6-[4-(3-METHYLPHENYL)-1-PIPERAZINYL]PYRIDAZINE 'C16 H20 N4 O'
#
# COMPACT_ATOMS: atom_id res chain seq x y z
N THR A 17 -21.72 22.43 0.68
CA THR A 17 -21.78 21.01 1.04
C THR A 17 -22.16 20.50 2.44
N VAL A 18 -23.14 19.56 2.54
CA VAL A 18 -23.44 19.28 3.97
C VAL A 18 -22.53 18.17 4.44
N ALA A 19 -22.03 18.33 5.66
CA ALA A 19 -21.21 17.33 6.32
C ALA A 19 -22.11 16.34 7.06
N SER A 20 -23.23 16.86 7.48
CA SER A 20 -24.20 15.96 8.19
C SER A 20 -25.56 16.56 7.89
N ILE A 21 -26.55 15.71 7.65
CA ILE A 21 -27.89 16.23 7.47
C ILE A 21 -28.63 16.08 8.84
N SER A 22 -29.80 16.64 8.86
CA SER A 22 -30.57 16.54 10.12
C SER A 22 -31.23 15.22 10.19
N SER A 23 -31.24 14.44 11.15
CA SER A 23 -32.02 13.11 11.01
C SER A 23 -32.64 12.84 12.32
N GLY A 24 -33.77 12.22 12.45
CA GLY A 24 -34.46 12.06 13.80
C GLY A 24 -34.62 10.63 14.14
N PRO A 25 -35.55 10.29 15.03
CA PRO A 25 -35.73 8.91 15.53
C PRO A 25 -36.00 8.00 14.33
N LYS A 26 -35.76 6.78 14.31
CA LYS A 26 -35.92 5.73 13.30
C LYS A 26 -36.56 4.48 13.91
N HIS A 27 -37.45 3.77 13.35
CA HIS A 27 -37.95 2.46 13.94
C HIS A 27 -38.24 1.67 12.65
N THR A 28 -37.32 1.21 11.91
CA THR A 28 -37.44 0.59 10.70
C THR A 28 -37.04 -0.89 10.60
N GLN A 29 -37.29 -1.34 9.41
CA GLN A 29 -37.11 -2.68 8.90
C GLN A 29 -35.90 -2.53 7.96
N LYS A 30 -35.42 -1.33 7.90
CA LYS A 30 -34.31 -1.00 6.95
C LYS A 30 -33.10 -0.63 7.78
N VAL A 31 -32.20 -1.54 8.05
CA VAL A 31 -31.07 -1.32 8.97
C VAL A 31 -29.79 -1.08 8.26
N PRO A 32 -29.34 0.12 8.02
CA PRO A 32 -28.09 0.38 7.31
C PRO A 32 -26.85 0.00 8.08
N ILE A 33 -26.91 -0.28 9.36
CA ILE A 33 -25.69 -0.55 10.11
C ILE A 33 -25.40 -2.03 10.16
N LEU A 34 -26.17 -2.93 9.66
CA LEU A 34 -25.81 -4.38 9.72
C LEU A 34 -25.21 -4.73 8.37
N THR A 35 -24.02 -5.16 8.26
CA THR A 35 -23.51 -5.52 6.92
C THR A 35 -22.81 -6.80 6.91
N ALA A 36 -22.15 -7.27 5.89
CA ALA A 36 -21.37 -8.52 5.83
C ALA A 36 -19.97 -8.17 5.34
N ASN A 37 -18.97 -7.90 6.11
CA ASN A 37 -17.66 -7.46 5.70
C ASN A 37 -16.94 -8.51 4.89
N GLU A 38 -17.54 -9.72 4.85
CA GLU A 38 -16.85 -10.76 4.13
C GLU A 38 -16.82 -10.47 2.65
N THR A 39 -17.65 -9.53 2.21
CA THR A 39 -17.86 -9.20 0.80
C THR A 39 -16.71 -8.40 0.26
N GLY A 40 -15.98 -7.71 1.11
CA GLY A 40 -14.84 -6.93 0.67
C GLY A 40 -15.27 -5.50 0.53
N ALA A 41 -16.48 -5.14 0.80
CA ALA A 41 -16.84 -3.68 0.63
C ALA A 41 -16.68 -2.92 1.90
N THR A 42 -16.50 -1.62 1.93
CA THR A 42 -16.67 -0.79 3.15
C THR A 42 -17.93 0.04 2.88
N MET A 43 -19.02 -0.43 3.40
CA MET A 43 -20.31 0.27 3.25
C MET A 43 -20.24 1.66 3.82
N PRO A 44 -20.72 2.63 3.06
CA PRO A 44 -20.66 4.06 3.43
C PRO A 44 -21.58 4.53 4.51
N VAL A 45 -21.40 4.05 5.71
CA VAL A 45 -22.26 4.41 6.86
C VAL A 45 -21.83 5.75 7.41
N LEU A 46 -22.82 6.51 7.84
CA LEU A 46 -22.67 7.87 8.42
C LEU A 46 -23.28 8.03 9.79
N PRO A 47 -22.83 9.06 10.52
CA PRO A 47 -23.39 9.32 11.85
C PRO A 47 -24.87 9.31 11.83
N SER A 48 -25.45 9.85 10.77
CA SER A 48 -26.93 9.98 10.73
C SER A 48 -27.53 8.64 10.44
N ASP A 49 -26.95 7.52 10.60
CA ASP A 49 -27.64 6.25 10.27
C ASP A 49 -27.95 5.58 11.60
N SER A 50 -27.24 6.15 12.59
CA SER A 50 -27.34 5.53 13.90
C SER A 50 -27.50 6.50 15.01
N ILE A 51 -27.43 7.78 14.96
CA ILE A 51 -27.82 8.71 16.02
C ILE A 51 -28.71 9.77 15.38
N GLU A 52 -29.31 10.65 16.13
CA GLU A 52 -30.12 11.77 15.55
C GLU A 52 -29.16 12.91 15.30
N THR A 53 -28.96 13.47 14.14
CA THR A 53 -28.02 14.55 13.82
C THR A 53 -28.75 15.82 13.47
N ARG A 54 -27.98 16.88 13.34
CA ARG A 54 -28.44 18.25 13.01
C ARG A 54 -27.69 18.64 11.75
N THR A 55 -28.11 19.55 10.96
CA THR A 55 -27.28 19.91 9.79
C THR A 55 -26.03 20.65 10.18
N THR A 56 -24.98 20.34 9.45
CA THR A 56 -23.67 21.02 9.56
C THR A 56 -23.06 20.97 8.15
N TYR A 57 -22.28 21.99 7.83
CA TYR A 57 -21.56 22.02 6.51
C TYR A 57 -20.12 21.71 6.64
N MET A 58 -19.55 21.31 5.52
CA MET A 58 -18.13 20.84 5.50
C MET A 58 -17.21 22.00 5.60
N HIS A 59 -17.43 23.07 4.90
CA HIS A 59 -16.40 24.15 4.99
C HIS A 59 -15.04 23.60 4.60
N PHE A 60 -14.86 22.64 3.76
CA PHE A 60 -13.47 22.11 3.49
C PHE A 60 -13.41 21.39 2.20
N ASN A 61 -12.40 21.31 1.40
CA ASN A 61 -12.37 20.65 0.15
C ASN A 61 -11.47 19.50 0.07
N GLY A 62 -10.52 19.35 0.93
CA GLY A 62 -9.61 18.17 0.81
C GLY A 62 -8.52 18.50 -0.19
N SER A 63 -8.16 19.73 -0.36
CA SER A 63 -7.13 20.26 -1.17
C SER A 63 -5.71 19.71 -0.93
N GLU A 64 -5.40 19.61 0.37
CA GLU A 64 -3.98 19.35 0.83
C GLU A 64 -3.66 17.90 1.01
N THR A 65 -4.55 17.07 0.51
CA THR A 65 -4.44 15.62 0.57
C THR A 65 -4.47 15.13 -0.89
N ASP A 66 -4.51 16.07 -1.81
CA ASP A 66 -4.41 15.67 -3.23
C ASP A 66 -3.09 14.99 -3.44
N VAL A 67 -2.91 13.97 -4.22
CA VAL A 67 -1.57 13.36 -4.34
C VAL A 67 -0.61 14.38 -4.93
N GLU A 68 -1.08 15.38 -5.66
CA GLU A 68 -0.04 16.29 -6.25
C GLU A 68 0.57 17.03 -5.09
N CYS A 69 -0.19 17.32 -4.10
CA CYS A 69 0.26 18.12 -2.96
C CYS A 69 1.13 17.25 -2.07
N PHE A 70 0.68 16.02 -1.91
CA PHE A 70 1.36 15.06 -0.98
C PHE A 70 2.78 14.80 -1.46
N LEU A 71 3.01 14.62 -2.77
CA LEU A 71 4.33 14.30 -3.26
C LEU A 71 4.99 15.56 -3.82
N GLY A 72 4.28 16.66 -3.77
CA GLY A 72 4.83 17.86 -4.43
C GLY A 72 5.70 18.75 -3.65
N ARG A 73 6.35 18.43 -2.59
CA ARG A 73 7.28 19.43 -1.90
C ARG A 73 8.65 18.84 -2.04
N ALA A 74 9.68 19.61 -2.05
CA ALA A 74 11.07 19.10 -2.15
C ALA A 74 11.45 18.22 -0.99
N ALA A 75 12.04 17.09 -1.14
CA ALA A 75 12.54 16.21 -0.07
C ALA A 75 14.03 15.99 -0.32
N CYS A 76 14.83 15.84 0.71
CA CYS A 76 16.30 15.59 0.47
C CYS A 76 16.43 14.16 -0.02
N VAL A 77 17.05 13.96 -1.12
CA VAL A 77 17.12 12.58 -1.63
C VAL A 77 18.54 12.10 -1.60
N HIS A 78 19.53 12.92 -1.31
CA HIS A 78 20.95 12.44 -1.46
C HIS A 78 21.91 13.45 -0.90
N VAL A 79 22.88 12.96 -0.13
CA VAL A 79 23.94 13.90 0.32
C VAL A 79 25.26 13.30 -0.11
N THR A 80 26.07 13.90 -0.84
CA THR A 80 27.37 13.34 -1.26
C THR A 80 28.41 14.36 -0.90
N GLU A 81 29.66 14.08 -1.23
CA GLU A 81 30.74 15.07 -0.97
C GLU A 81 31.95 14.82 -1.89
N ILE A 82 32.51 15.91 -2.29
CA ILE A 82 33.68 16.01 -3.16
C ILE A 82 34.66 16.99 -2.54
N GLN A 83 35.96 16.90 -2.85
CA GLN A 83 36.88 17.95 -2.34
C GLN A 83 37.76 18.57 -3.44
N ASN A 84 38.20 19.78 -3.15
CA ASN A 84 39.09 20.47 -4.11
C ASN A 84 40.45 20.30 -3.44
N LYS A 85 41.34 19.66 -4.11
CA LYS A 85 42.72 19.51 -3.49
C LYS A 85 43.66 19.20 -4.62
N ASP A 86 44.96 19.28 -4.41
CA ASP A 86 45.93 18.99 -5.48
C ASP A 86 45.87 17.50 -5.91
N ALA A 87 45.58 17.28 -7.21
CA ALA A 87 45.38 15.89 -7.63
C ALA A 87 46.73 15.26 -7.99
N THR A 88 47.70 16.12 -7.89
CA THR A 88 49.07 15.64 -8.16
C THR A 88 49.38 14.40 -7.32
N GLY A 89 49.76 13.37 -8.13
CA GLY A 89 50.00 12.01 -7.59
C GLY A 89 48.79 11.26 -7.09
N ILE A 90 47.57 11.59 -7.63
CA ILE A 90 46.41 10.81 -7.04
C ILE A 90 46.15 9.76 -8.10
N ASP A 91 46.11 8.52 -7.59
CA ASP A 91 45.96 7.50 -8.74
C ASP A 91 44.55 7.26 -9.02
N ASN A 92 43.64 7.81 -8.20
CA ASN A 92 42.21 7.42 -8.38
C ASN A 92 41.34 8.56 -7.86
N HIS A 93 41.03 9.42 -8.84
CA HIS A 93 40.35 10.66 -8.50
C HIS A 93 39.02 10.33 -7.81
N ARG A 94 38.46 9.30 -8.40
CA ARG A 94 37.08 8.94 -7.93
C ARG A 94 37.21 8.61 -6.47
N GLU A 95 38.27 7.84 -6.22
CA GLU A 95 38.51 7.45 -4.86
C GLU A 95 38.93 8.55 -3.93
N ALA A 96 39.49 9.64 -4.37
CA ALA A 96 39.93 10.77 -3.51
C ALA A 96 38.78 11.77 -3.32
N LYS A 97 37.58 11.41 -3.83
CA LYS A 97 36.46 12.32 -3.90
C LYS A 97 36.84 13.60 -4.66
N LEU A 98 37.74 13.45 -5.61
CA LEU A 98 38.11 14.57 -6.51
C LEU A 98 36.89 14.91 -7.33
N PHE A 99 36.10 13.90 -7.47
CA PHE A 99 34.82 13.92 -8.12
C PHE A 99 34.05 12.66 -7.67
N ASN A 100 32.76 12.72 -7.78
CA ASN A 100 31.88 11.66 -7.25
C ASN A 100 30.60 11.59 -8.04
N ASP A 101 30.22 10.38 -8.35
CA ASP A 101 28.95 10.13 -9.04
C ASP A 101 27.92 9.65 -8.06
N TRP A 102 26.72 9.62 -8.55
CA TRP A 102 25.57 9.19 -7.77
C TRP A 102 24.65 8.37 -8.62
N LYS A 103 24.87 7.08 -8.60
CA LYS A 103 23.97 6.18 -9.26
C LYS A 103 22.58 6.54 -8.77
N ILE A 104 21.98 7.43 -9.51
CA ILE A 104 20.69 8.04 -9.18
C ILE A 104 19.64 6.98 -8.75
N ASN A 105 18.89 7.38 -7.72
CA ASN A 105 17.77 6.60 -7.12
C ASN A 105 17.15 7.43 -5.97
N LEU A 106 15.94 7.05 -5.58
CA LEU A 106 15.16 7.78 -4.54
C LEU A 106 14.92 6.93 -3.28
N SER A 107 15.35 5.68 -3.37
CA SER A 107 15.17 4.70 -2.29
C SER A 107 16.19 4.93 -1.14
N SER A 108 17.24 5.66 -1.47
CA SER A 108 18.36 5.98 -0.51
C SER A 108 17.78 6.40 0.88
N LEU A 109 17.29 7.64 0.93
CA LEU A 109 16.69 8.24 2.18
C LEU A 109 15.22 7.76 2.32
N VAL A 110 14.86 7.46 3.57
CA VAL A 110 13.55 6.80 3.93
C VAL A 110 12.35 7.79 4.00
N GLN A 111 12.51 9.03 4.37
CA GLN A 111 11.29 9.90 4.51
C GLN A 111 10.44 9.88 3.22
N LEU A 112 11.00 10.37 2.13
CA LEU A 112 10.25 10.41 0.85
C LEU A 112 9.87 8.99 0.39
N ARG A 113 10.76 8.03 0.64
CA ARG A 113 10.53 6.63 0.21
C ARG A 113 9.23 6.08 0.81
N LYS A 114 8.98 6.20 2.02
CA LYS A 114 7.74 5.63 2.58
C LYS A 114 6.54 6.26 1.90
N LYS A 115 6.57 7.57 1.65
CA LYS A 115 5.53 8.33 0.97
C LYS A 115 5.28 7.76 -0.41
N LEU A 116 6.31 7.56 -1.24
CA LEU A 116 6.08 7.05 -2.56
C LEU A 116 5.55 5.61 -2.54
N GLU A 117 5.97 4.85 -1.55
CA GLU A 117 5.63 3.38 -1.65
C GLU A 117 4.27 3.10 -1.10
N LEU A 118 3.48 4.13 -0.97
CA LEU A 118 2.04 4.03 -0.58
C LEU A 118 1.25 3.64 -1.86
N PHE A 119 1.85 3.74 -3.03
CA PHE A 119 1.42 3.50 -4.36
C PHE A 119 2.31 2.45 -5.05
N THR A 120 1.80 1.73 -6.04
CA THR A 120 2.56 0.75 -6.77
C THR A 120 3.27 1.31 -7.97
N TYR A 121 2.64 2.12 -8.80
CA TYR A 121 3.19 2.77 -10.00
C TYR A 121 3.02 4.29 -9.80
N VAL A 122 3.96 5.03 -10.25
CA VAL A 122 3.87 6.55 -9.95
C VAL A 122 4.40 7.17 -11.18
N ARG A 123 4.10 8.19 -11.60
CA ARG A 123 4.51 8.94 -12.79
C ARG A 123 4.49 10.44 -12.49
N PHE A 124 5.63 11.07 -12.69
CA PHE A 124 5.76 12.52 -12.45
C PHE A 124 7.12 13.06 -12.92
N ASP A 125 7.09 14.37 -13.20
CA ASP A 125 8.26 15.15 -13.60
C ASP A 125 9.01 15.52 -12.34
N SER A 126 10.27 15.65 -12.44
CA SER A 126 11.06 15.97 -11.28
C SER A 126 11.69 17.32 -11.41
N GLU A 127 11.67 18.00 -10.31
CA GLU A 127 12.30 19.27 -10.17
C GLU A 127 13.29 19.19 -9.05
N TYR A 128 14.51 19.02 -9.47
CA TYR A 128 15.63 18.88 -8.55
C TYR A 128 16.17 20.26 -8.16
N THR A 129 16.67 20.30 -6.93
CA THR A 129 17.36 21.47 -6.34
C THR A 129 18.62 20.96 -5.64
N ILE A 130 19.75 21.56 -5.98
CA ILE A 130 21.05 21.10 -5.46
C ILE A 130 21.70 22.15 -4.61
N LEU A 131 21.82 21.97 -3.34
CA LEU A 131 22.51 22.97 -2.46
C LEU A 131 23.93 22.46 -2.25
N ALA A 132 24.95 23.23 -2.30
CA ALA A 132 26.35 22.87 -2.11
C ALA A 132 26.97 23.75 -1.06
N THR A 133 27.49 23.31 0.01
CA THR A 133 28.10 24.30 1.01
C THR A 133 29.51 23.90 1.21
N ALA A 134 30.41 24.81 1.60
CA ALA A 134 31.83 24.35 1.72
C ALA A 134 32.20 24.38 3.19
N SER A 135 33.13 23.56 3.53
CA SER A 135 33.73 23.37 4.83
C SER A 135 35.27 23.41 4.66
N GLN A 136 35.88 23.96 5.65
CA GLN A 136 37.39 24.03 5.63
C GLN A 136 37.88 23.60 6.99
N PRO A 137 37.77 22.31 7.26
CA PRO A 137 38.12 21.79 8.57
C PRO A 137 39.53 22.06 8.93
N ASP A 138 40.48 22.37 8.09
CA ASP A 138 41.80 22.59 8.75
C ASP A 138 42.49 23.82 8.22
N SER A 139 42.76 24.73 9.09
CA SER A 139 43.54 25.90 8.78
C SER A 139 43.58 26.38 7.37
N ALA A 140 42.82 27.44 7.07
CA ALA A 140 42.91 28.03 5.69
C ALA A 140 42.98 29.54 5.88
N ASN A 141 43.58 30.24 4.97
CA ASN A 141 43.65 31.70 5.14
C ASN A 141 42.31 32.35 4.86
N TYR A 142 41.61 31.61 4.00
CA TYR A 142 40.35 32.04 3.47
C TYR A 142 39.51 30.91 2.94
N SER A 143 38.32 31.38 2.53
CA SER A 143 37.27 30.53 1.92
C SER A 143 37.31 30.67 0.44
N SER A 144 37.59 29.66 -0.33
CA SER A 144 37.79 30.07 -1.84
C SER A 144 36.50 30.13 -2.53
N ASN A 145 36.35 30.64 -3.77
CA ASN A 145 35.00 30.46 -4.37
C ASN A 145 35.10 29.57 -5.59
N LEU A 146 34.53 28.41 -5.29
CA LEU A 146 34.41 27.24 -6.10
C LEU A 146 33.11 27.23 -6.91
N VAL A 147 33.20 26.73 -8.10
CA VAL A 147 32.07 26.51 -8.98
C VAL A 147 31.88 25.01 -9.08
N VAL A 148 30.76 24.41 -8.79
CA VAL A 148 30.51 22.98 -8.96
C VAL A 148 30.04 22.68 -10.36
N GLN A 149 30.35 21.68 -11.04
CA GLN A 149 29.62 21.22 -12.23
C GLN A 149 28.93 19.88 -11.96
N ALA A 150 27.64 19.85 -12.16
CA ALA A 150 26.78 18.67 -12.08
C ALA A 150 26.34 18.25 -13.48
N MET A 151 26.82 17.09 -13.88
CA MET A 151 26.54 16.55 -15.21
C MET A 151 25.89 15.16 -15.11
N TYR A 152 24.73 15.06 -15.71
CA TYR A 152 23.88 13.87 -15.81
C TYR A 152 24.44 12.93 -16.89
N VAL A 153 25.10 11.87 -16.42
CA VAL A 153 25.74 10.85 -17.30
C VAL A 153 24.78 9.69 -17.48
N PRO A 154 23.80 9.80 -18.39
CA PRO A 154 22.80 8.74 -18.58
C PRO A 154 23.49 7.46 -18.96
N PRO A 155 22.80 6.29 -18.86
CA PRO A 155 23.40 5.03 -19.22
C PRO A 155 23.82 5.03 -20.66
N GLY A 156 25.05 4.57 -20.85
CA GLY A 156 25.62 4.33 -22.17
C GLY A 156 26.58 5.45 -22.57
N ALA A 157 26.89 6.29 -21.63
CA ALA A 157 27.78 7.45 -21.86
C ALA A 157 29.11 7.23 -21.18
N PRO A 158 30.19 7.82 -21.68
CA PRO A 158 31.47 7.72 -21.02
C PRO A 158 31.35 8.20 -19.59
N ASN A 159 32.04 7.49 -18.71
CA ASN A 159 32.01 7.77 -17.24
C ASN A 159 33.28 8.38 -16.80
N PRO A 160 33.27 9.48 -16.09
CA PRO A 160 34.47 10.08 -15.71
C PRO A 160 35.32 9.10 -15.04
N LYS A 161 36.53 9.46 -15.15
CA LYS A 161 37.62 8.74 -14.61
C LYS A 161 38.47 9.71 -13.84
N GLU A 162 38.77 10.83 -14.45
CA GLU A 162 39.53 11.86 -13.75
C GLU A 162 38.63 13.06 -13.59
N TRP A 163 39.04 13.93 -12.74
CA TRP A 163 38.15 15.05 -12.43
C TRP A 163 38.15 16.10 -13.56
N ASP A 164 38.94 15.88 -14.61
CA ASP A 164 38.97 16.85 -15.74
C ASP A 164 39.12 16.14 -17.11
N ASP A 165 38.41 15.03 -17.20
CA ASP A 165 38.32 14.18 -18.40
C ASP A 165 37.78 14.95 -19.59
N TYR A 166 37.81 14.31 -20.74
CA TYR A 166 37.19 14.91 -21.91
C TYR A 166 35.68 14.87 -21.64
N THR A 167 35.34 13.90 -20.79
CA THR A 167 33.95 13.64 -20.37
C THR A 167 33.22 14.91 -19.97
N TRP A 168 33.86 15.62 -19.11
CA TRP A 168 33.28 16.82 -18.53
C TRP A 168 33.02 17.91 -19.62
N GLN A 169 33.43 17.67 -20.88
CA GLN A 169 33.14 18.63 -21.99
C GLN A 169 31.62 18.69 -22.12
N SER A 170 31.08 17.53 -21.85
CA SER A 170 29.65 17.26 -21.84
C SER A 170 28.97 18.15 -22.91
N ALA A 171 29.33 17.68 -24.22
CA ALA A 171 28.83 18.36 -25.41
C ALA A 171 27.44 17.94 -25.76
N SER A 172 27.08 16.75 -25.32
CA SER A 172 25.71 16.30 -25.63
C SER A 172 24.95 16.03 -24.38
N ASN A 173 25.42 16.15 -23.23
CA ASN A 173 24.84 15.72 -21.92
C ASN A 173 24.53 16.90 -21.12
N PRO A 174 23.35 17.08 -20.60
CA PRO A 174 23.00 18.36 -19.91
C PRO A 174 23.86 18.56 -18.72
N SER A 175 24.51 19.72 -18.60
CA SER A 175 25.24 19.91 -17.24
C SER A 175 24.97 21.31 -16.75
N VAL A 176 24.93 21.59 -15.44
CA VAL A 176 24.69 22.85 -14.84
C VAL A 176 25.99 23.29 -14.05
N PHE A 177 26.43 24.48 -14.12
CA PHE A 177 27.58 24.99 -13.33
C PHE A 177 27.02 25.99 -12.31
N PHE A 178 27.14 25.88 -11.07
CA PHE A 178 26.67 26.89 -10.08
C PHE A 178 27.74 27.10 -9.05
N LYS A 179 27.62 28.04 -8.16
CA LYS A 179 28.67 28.32 -7.15
C LYS A 179 28.35 27.61 -5.85
N VAL A 180 29.40 27.15 -5.21
CA VAL A 180 29.22 26.55 -3.84
C VAL A 180 28.49 27.56 -2.97
N GLY A 181 27.51 27.22 -2.17
CA GLY A 181 26.84 28.24 -1.29
C GLY A 181 25.54 28.64 -1.94
N ASP A 182 25.54 28.56 -3.26
CA ASP A 182 24.32 28.76 -4.02
C ASP A 182 23.71 27.37 -4.24
N THR A 183 22.66 27.41 -4.95
CA THR A 183 21.73 26.39 -5.34
C THR A 183 21.51 26.32 -6.79
N SER A 184 21.28 25.17 -7.28
CA SER A 184 21.06 25.05 -8.79
C SER A 184 19.69 24.43 -8.91
N ARG A 185 18.94 24.70 -9.92
CA ARG A 185 17.58 24.17 -10.01
C ARG A 185 17.22 24.00 -11.50
N PHE A 186 16.62 22.87 -11.77
CA PHE A 186 16.22 22.46 -13.13
C PHE A 186 15.42 21.19 -13.04
N SER A 187 14.40 21.13 -13.80
CA SER A 187 13.52 19.99 -13.81
C SER A 187 13.70 19.21 -15.06
N VAL A 188 13.34 17.99 -14.96
CA VAL A 188 13.47 17.07 -16.04
C VAL A 188 12.16 16.31 -16.27
N PRO A 189 11.77 16.09 -17.54
CA PRO A 189 10.56 15.34 -17.84
C PRO A 189 10.66 13.90 -17.26
N TYR A 190 9.50 13.24 -17.17
CA TYR A 190 9.39 11.82 -16.67
C TYR A 190 10.07 10.87 -17.69
N VAL A 191 11.29 10.40 -17.31
CA VAL A 191 12.18 9.58 -18.23
C VAL A 191 12.15 8.08 -17.91
N GLY A 192 10.95 7.57 -17.73
CA GLY A 192 10.71 6.15 -17.50
C GLY A 192 10.49 5.46 -18.85
N LEU A 193 10.95 4.24 -18.92
CA LEU A 193 10.83 3.43 -20.12
C LEU A 193 9.36 3.08 -20.37
N ALA A 194 8.71 2.74 -19.28
CA ALA A 194 7.29 2.35 -19.29
C ALA A 194 6.40 3.60 -19.24
N SER A 195 5.14 3.33 -18.94
CA SER A 195 4.10 4.37 -18.85
C SER A 195 4.13 5.03 -17.49
N ALA A 196 4.79 4.35 -16.58
CA ALA A 196 4.92 4.81 -15.20
C ALA A 196 6.07 4.11 -14.52
N TYR A 197 6.50 4.72 -13.45
CA TYR A 197 7.55 4.18 -12.60
C TYR A 197 6.97 3.10 -11.70
N ASN A 198 7.64 1.99 -11.66
CA ASN A 198 7.26 0.90 -10.76
C ASN A 198 7.84 1.18 -9.40
N CYS A 199 7.02 1.02 -8.39
CA CYS A 199 7.43 1.22 -6.99
C CYS A 199 7.79 -0.12 -6.41
N PHE A 200 7.38 -1.10 -7.14
CA PHE A 200 7.61 -2.48 -6.85
C PHE A 200 7.58 -3.26 -8.13
N TYR A 201 8.25 -4.35 -8.12
CA TYR A 201 8.37 -5.18 -9.31
C TYR A 201 8.57 -6.63 -8.91
N ASP A 202 7.59 -7.51 -9.07
CA ASP A 202 7.90 -8.90 -8.54
C ASP A 202 8.37 -9.62 -9.77
N GLY A 203 9.60 -9.26 -10.20
CA GLY A 203 10.13 -9.97 -11.43
C GLY A 203 11.66 -9.94 -11.43
N TYR A 204 12.23 -10.39 -12.50
CA TYR A 204 13.63 -10.48 -12.83
C TYR A 204 13.90 -9.83 -14.17
N SER A 205 15.14 -9.67 -14.59
CA SER A 205 15.42 -9.01 -15.85
C SER A 205 15.37 -10.08 -16.94
N HIS A 206 15.49 -11.29 -16.46
CA HIS A 206 15.34 -12.42 -17.43
C HIS A 206 15.23 -13.67 -16.60
N ASP A 207 14.92 -14.78 -17.25
CA ASP A 207 14.73 -16.00 -16.45
C ASP A 207 16.10 -16.59 -16.20
N ASP A 208 16.88 -16.00 -15.40
CA ASP A 208 18.23 -16.50 -15.03
C ASP A 208 18.08 -17.13 -13.66
N ALA A 209 18.92 -18.06 -13.30
CA ALA A 209 18.71 -18.69 -12.00
C ALA A 209 19.31 -17.85 -10.90
N GLU A 210 20.16 -16.97 -11.22
CA GLU A 210 20.86 -16.25 -10.13
C GLU A 210 20.68 -14.78 -10.38
N THR A 211 19.81 -14.34 -11.30
CA THR A 211 19.79 -12.82 -11.51
C THR A 211 18.96 -12.17 -10.40
N GLN A 212 19.40 -10.99 -10.04
CA GLN A 212 18.80 -10.19 -8.97
C GLN A 212 17.29 -10.24 -9.04
N TYR A 213 16.71 -9.83 -7.95
CA TYR A 213 15.27 -9.76 -7.80
C TYR A 213 14.89 -8.36 -7.34
N GLY A 214 13.90 -7.84 -8.01
CA GLY A 214 13.25 -6.62 -7.60
C GLY A 214 13.48 -5.47 -8.61
N ILE A 215 13.30 -4.28 -8.06
CA ILE A 215 13.22 -3.01 -8.78
C ILE A 215 14.57 -2.63 -9.40
N THR A 216 15.58 -2.91 -8.65
CA THR A 216 16.96 -2.57 -9.00
C THR A 216 17.22 -2.83 -10.49
N VAL A 217 16.57 -3.85 -10.98
CA VAL A 217 16.77 -4.32 -12.36
C VAL A 217 16.00 -3.43 -13.37
N LEU A 218 15.36 -2.41 -12.82
CA LEU A 218 14.60 -1.41 -13.63
C LEU A 218 15.25 -0.03 -13.48
N ASN A 219 15.59 0.28 -12.23
CA ASN A 219 16.36 1.48 -11.89
C ASN A 219 17.71 1.40 -12.59
N HIS A 220 17.77 2.11 -13.66
CA HIS A 220 18.91 2.13 -14.54
C HIS A 220 18.91 3.45 -15.30
N MET A 221 18.79 4.52 -14.52
CA MET A 221 18.63 5.88 -15.04
C MET A 221 19.99 6.60 -15.11
N GLY A 222 21.01 5.83 -14.87
CA GLY A 222 22.39 6.30 -14.93
C GLY A 222 22.84 6.77 -13.55
N SER A 223 23.62 7.83 -13.57
CA SER A 223 24.19 8.44 -12.36
C SER A 223 24.57 9.90 -12.61
N MET A 224 24.51 10.66 -11.55
CA MET A 224 24.88 12.09 -11.58
C MET A 224 26.32 12.25 -11.10
N ALA A 225 27.06 13.03 -11.88
CA ALA A 225 28.47 13.30 -11.61
C ALA A 225 28.66 14.75 -11.17
N PHE A 226 29.39 14.88 -10.07
CA PHE A 226 29.74 16.18 -9.48
C PHE A 226 31.26 16.32 -9.42
N ARG A 227 31.68 17.55 -9.56
CA ARG A 227 33.10 17.91 -9.52
C ARG A 227 33.23 19.40 -9.27
N ILE A 228 34.35 19.85 -8.80
CA ILE A 228 34.65 21.33 -8.68
C ILE A 228 35.39 21.74 -9.90
N VAL A 229 35.10 22.93 -10.42
CA VAL A 229 35.79 23.23 -11.73
C VAL A 229 37.12 23.81 -11.35
N ASN A 230 37.21 24.47 -10.17
CA ASN A 230 38.41 25.17 -9.77
C ASN A 230 39.62 24.23 -9.61
N GLU A 231 40.80 24.79 -9.95
CA GLU A 231 42.04 24.08 -9.63
C GLU A 231 42.20 24.31 -8.10
N HIS A 232 43.28 23.72 -7.58
CA HIS A 232 43.51 23.78 -6.14
C HIS A 232 44.25 25.05 -5.72
N ASP A 233 43.78 25.45 -4.49
CA ASP A 233 44.42 26.51 -3.73
C ASP A 233 45.40 25.76 -2.77
N GLU A 234 45.98 26.60 -1.92
CA GLU A 234 46.94 26.00 -0.95
C GLU A 234 46.17 25.18 0.03
N HIS A 235 45.01 25.52 0.55
CA HIS A 235 44.37 24.58 1.54
C HIS A 235 43.44 23.64 0.81
N LYS A 236 42.77 22.84 1.58
CA LYS A 236 41.83 21.82 0.98
C LYS A 236 40.44 22.29 1.28
N THR A 237 39.46 22.00 0.50
CA THR A 237 38.10 22.52 0.76
C THR A 237 37.14 21.33 0.56
N LEU A 238 36.32 21.11 1.55
CA LEU A 238 35.31 20.03 1.47
C LEU A 238 34.02 20.66 0.99
N VAL A 239 33.46 20.08 -0.05
CA VAL A 239 32.15 20.62 -0.57
C VAL A 239 31.19 19.46 -0.41
N LYS A 240 30.06 19.71 0.20
CA LYS A 240 29.09 18.60 0.48
C LYS A 240 27.84 18.98 -0.34
N ILE A 241 27.43 18.04 -1.18
CA ILE A 241 26.26 18.24 -2.07
C ILE A 241 25.02 17.57 -1.53
N ARG A 242 23.94 18.37 -1.47
CA ARG A 242 22.60 17.85 -1.09
C ARG A 242 21.61 18.01 -2.28
N VAL A 243 21.08 16.91 -2.76
CA VAL A 243 20.12 16.91 -3.86
C VAL A 243 18.72 16.85 -3.31
N TYR A 244 17.84 17.76 -3.63
CA TYR A 244 16.41 17.74 -3.21
C TYR A 244 15.55 17.37 -4.40
N HIS A 245 14.49 16.63 -4.24
CA HIS A 245 13.64 16.24 -5.39
C HIS A 245 12.18 16.57 -5.08
N ARG A 246 11.47 17.20 -5.98
CA ARG A 246 10.05 17.57 -5.87
C ARG A 246 9.31 16.97 -7.06
N ALA A 247 8.33 16.19 -6.84
CA ALA A 247 7.51 15.64 -7.91
C ALA A 247 6.52 16.72 -8.36
N LYS A 248 6.38 16.90 -9.68
CA LYS A 248 5.34 17.84 -10.21
C LYS A 248 4.65 17.05 -11.32
N HIS A 249 3.33 17.25 -11.40
CA HIS A 249 2.45 16.55 -12.37
C HIS A 249 2.32 15.12 -12.00
N VAL A 250 1.95 14.81 -10.77
CA VAL A 250 1.92 13.47 -10.22
C VAL A 250 0.79 12.58 -10.63
N GLU A 251 1.04 11.35 -10.85
CA GLU A 251 -0.13 10.41 -11.18
C GLU A 251 0.19 9.12 -10.45
N ALA A 252 -0.67 8.57 -9.63
CA ALA A 252 -0.30 7.39 -8.81
C ALA A 252 -1.29 6.32 -8.93
N TRP A 253 -1.01 5.06 -9.07
CA TRP A 253 -2.02 4.00 -9.18
C TRP A 253 -1.80 2.93 -8.12
N ILE A 254 -2.85 2.28 -7.72
CA ILE A 254 -2.93 1.15 -6.83
C ILE A 254 -2.35 1.33 -5.47
N PRO A 255 -3.12 1.81 -4.49
CA PRO A 255 -2.61 2.06 -3.11
C PRO A 255 -2.18 0.78 -2.45
N ARG A 256 -1.23 0.78 -1.56
CA ARG A 256 -0.78 -0.46 -0.86
C ARG A 256 -0.68 -0.19 0.62
N ALA A 257 -0.48 -1.16 1.42
CA ALA A 257 -0.30 -1.06 2.89
C ALA A 257 0.94 -0.27 3.20
N PRO A 258 0.98 0.65 4.19
CA PRO A 258 2.17 1.48 4.44
C PRO A 258 3.31 0.65 4.92
N ARG A 259 4.56 1.07 4.81
CA ARG A 259 5.69 0.37 5.32
C ARG A 259 5.73 0.28 6.84
N ALA A 260 5.85 -0.87 7.42
CA ALA A 260 5.83 -1.00 8.87
C ALA A 260 7.24 -1.19 9.38
N LEU A 261 8.03 -2.12 8.85
CA LEU A 261 9.41 -2.36 9.38
C LEU A 261 10.38 -1.41 8.69
N PRO A 262 11.57 -1.33 9.25
CA PRO A 262 12.64 -0.47 8.75
C PRO A 262 13.12 -1.03 7.44
N TYR A 263 13.80 -0.21 6.68
CA TYR A 263 14.36 -0.55 5.37
C TYR A 263 15.84 -0.96 5.54
N THR A 264 16.33 -1.78 4.64
CA THR A 264 17.71 -2.25 4.73
C THR A 264 18.41 -1.96 3.46
N SER A 265 17.73 -1.94 2.34
CA SER A 265 18.40 -1.81 1.01
C SER A 265 17.70 -0.97 0.00
N ILE A 266 18.36 -0.28 -0.92
CA ILE A 266 17.70 0.41 -2.03
C ILE A 266 17.11 -0.70 -2.91
N GLY A 267 15.82 -0.62 -3.10
CA GLY A 267 15.17 -1.49 -4.08
C GLY A 267 14.77 -2.83 -3.65
N ARG A 268 14.99 -3.20 -2.39
CA ARG A 268 14.36 -4.53 -2.04
C ARG A 268 13.50 -4.21 -0.84
N THR A 269 12.54 -5.04 -0.63
CA THR A 269 11.52 -4.92 0.40
C THR A 269 11.93 -5.42 1.75
N ASN A 270 13.12 -6.09 1.76
CA ASN A 270 13.72 -6.68 2.89
C ASN A 270 13.76 -5.73 4.16
N TYR A 271 13.47 -6.37 5.22
CA TYR A 271 13.51 -5.78 6.57
C TYR A 271 14.58 -6.54 7.38
N PRO A 272 15.09 -5.90 8.41
CA PRO A 272 16.12 -6.45 9.25
C PRO A 272 15.70 -7.57 10.16
N LYS A 273 16.57 -8.57 10.46
CA LYS A 273 16.19 -9.69 11.35
C LYS A 273 16.15 -9.31 12.80
N ASN A 274 15.35 -10.01 13.55
CA ASN A 274 15.28 -9.54 15.02
C ASN A 274 15.21 -7.96 14.83
N THR A 275 13.98 -7.69 14.49
CA THR A 275 13.52 -6.27 14.35
C THR A 275 12.74 -6.02 15.59
N GLU A 276 12.06 -4.96 15.93
CA GLU A 276 11.24 -5.02 17.22
C GLU A 276 9.79 -5.02 16.93
N PRO A 277 9.01 -5.46 17.86
CA PRO A 277 7.50 -5.46 17.61
C PRO A 277 7.16 -4.01 17.23
N VAL A 278 6.38 -3.92 16.18
CA VAL A 278 5.98 -2.60 15.63
C VAL A 278 4.65 -2.24 16.22
N ILE A 279 3.85 -3.14 16.76
CA ILE A 279 2.58 -2.70 17.38
C ILE A 279 2.80 -2.43 18.85
N LYS A 280 2.57 -1.32 19.43
CA LYS A 280 2.75 -0.97 20.85
C LYS A 280 1.94 -1.87 21.76
N LYS A 281 2.56 -2.52 22.68
CA LYS A 281 1.85 -3.38 23.64
C LYS A 281 1.12 -2.53 24.66
N ARG A 282 -0.10 -2.95 24.99
CA ARG A 282 -0.86 -2.26 26.00
C ARG A 282 -0.18 -2.26 27.34
N LYS A 283 -0.43 -1.14 28.01
CA LYS A 283 0.13 -1.21 29.52
C LYS A 283 -1.12 -1.57 30.25
N GLY A 284 -1.54 -2.79 30.31
CA GLY A 284 -2.84 -3.14 30.95
C GLY A 284 -3.52 -4.16 30.06
N ASP A 285 -4.71 -4.53 30.31
CA ASP A 285 -5.61 -5.26 29.64
C ASP A 285 -6.11 -4.91 28.29
N ILE A 286 -6.89 -5.94 27.74
CA ILE A 286 -7.60 -5.51 26.48
C ILE A 286 -8.62 -4.40 26.95
N LYS A 287 -9.10 -4.62 28.19
CA LYS A 287 -10.11 -3.76 28.75
C LYS A 287 -9.61 -2.39 29.11
N SER A 288 -8.32 -2.16 29.16
CA SER A 288 -7.76 -0.84 29.57
C SER A 288 -8.09 0.37 28.82
N TYR A 289 -8.11 1.56 29.36
CA TYR A 289 -8.37 2.75 28.45
C TYR A 289 -7.07 3.40 28.00
N GLY B 8 -35.76 -14.34 -6.42
CA GLY B 8 -35.20 -15.45 -5.49
C GLY B 8 -33.67 -15.48 -5.77
N TYR B 9 -33.25 -14.44 -6.50
CA TYR B 9 -31.73 -14.43 -6.74
C TYR B 9 -31.18 -14.03 -5.42
N SER B 10 -30.11 -14.67 -4.99
CA SER B 10 -29.49 -14.23 -3.70
C SER B 10 -28.09 -13.81 -4.10
N ASP B 11 -27.44 -13.03 -3.39
CA ASP B 11 -26.06 -12.72 -3.50
C ASP B 11 -25.16 -13.96 -3.35
N ARG B 12 -25.73 -14.92 -2.66
CA ARG B 12 -25.44 -16.18 -2.14
C ARG B 12 -25.23 -17.32 -3.10
N VAL B 13 -26.06 -17.54 -4.07
CA VAL B 13 -25.87 -18.58 -5.08
C VAL B 13 -25.32 -18.01 -6.36
N GLN B 14 -24.42 -18.63 -7.04
CA GLN B 14 -23.83 -18.11 -8.25
C GLN B 14 -23.35 -19.20 -9.14
N GLN B 15 -23.25 -18.88 -10.41
CA GLN B 15 -22.74 -19.79 -11.41
C GLN B 15 -21.76 -19.03 -12.29
N ILE B 16 -20.57 -19.51 -12.48
CA ILE B 16 -19.63 -18.87 -13.44
C ILE B 16 -19.31 -19.86 -14.52
N THR B 17 -19.61 -19.69 -15.74
CA THR B 17 -19.31 -20.63 -16.81
C THR B 17 -18.23 -19.97 -17.68
N LEU B 18 -17.18 -20.63 -17.86
CA LEU B 18 -16.03 -19.99 -18.61
C LEU B 18 -15.40 -21.15 -19.35
N GLY B 19 -15.57 -21.09 -20.63
CA GLY B 19 -15.06 -22.07 -21.55
C GLY B 19 -15.98 -23.29 -21.42
N ASN B 20 -15.38 -24.32 -21.04
CA ASN B 20 -15.99 -25.70 -21.03
C ASN B 20 -16.10 -26.14 -19.62
N SER B 21 -15.98 -25.15 -18.70
CA SER B 21 -16.04 -25.42 -17.28
C SER B 21 -16.95 -24.49 -16.47
N THR B 22 -17.72 -24.99 -15.55
CA THR B 22 -18.63 -24.26 -14.75
C THR B 22 -18.48 -24.53 -13.27
N ILE B 23 -18.64 -23.53 -12.46
CA ILE B 23 -18.59 -23.51 -11.02
C ILE B 23 -19.90 -23.08 -10.40
N THR B 24 -20.44 -23.72 -9.43
CA THR B 24 -21.67 -23.27 -8.80
C THR B 24 -21.32 -23.10 -7.31
N THR B 25 -21.72 -22.06 -6.69
CA THR B 25 -21.63 -21.88 -5.27
C THR B 25 -23.02 -21.52 -4.75
N GLN B 26 -23.36 -22.17 -3.67
CA GLN B 26 -24.67 -21.94 -3.02
C GLN B 26 -24.46 -21.11 -1.76
N GLU B 27 -23.27 -20.64 -1.50
CA GLU B 27 -22.98 -19.86 -0.31
C GLU B 27 -21.92 -18.83 -0.46
N ALA B 28 -22.04 -17.98 -1.42
CA ALA B 28 -21.15 -16.93 -1.83
C ALA B 28 -21.38 -15.69 -0.97
N ALA B 29 -20.56 -14.67 -1.03
CA ALA B 29 -20.69 -13.40 -0.40
C ALA B 29 -20.28 -12.37 -1.47
N ASN B 30 -21.19 -12.29 -2.42
CA ASN B 30 -20.96 -11.32 -3.60
C ASN B 30 -19.64 -11.70 -4.27
N ALA B 31 -18.94 -10.89 -4.98
CA ALA B 31 -17.69 -11.18 -5.66
C ALA B 31 -17.01 -9.81 -5.83
N VAL B 32 -15.74 -9.81 -5.86
CA VAL B 32 -15.02 -8.55 -5.95
C VAL B 32 -14.45 -8.48 -7.36
N VAL B 33 -14.49 -7.27 -7.88
CA VAL B 33 -13.85 -7.04 -9.21
C VAL B 33 -12.78 -5.98 -8.96
N CYS B 34 -11.53 -6.39 -8.94
CA CYS B 34 -10.45 -5.48 -8.58
C CYS B 34 -10.58 -4.10 -9.16
N TYR B 35 -10.57 -3.08 -8.28
CA TYR B 35 -10.50 -1.68 -8.72
C TYR B 35 -11.68 -1.40 -9.61
N ALA B 36 -12.71 -2.22 -9.39
CA ALA B 36 -13.97 -2.03 -10.14
C ALA B 36 -13.76 -2.12 -11.62
N GLU B 37 -12.84 -2.81 -12.18
CA GLU B 37 -12.64 -3.01 -13.59
C GLU B 37 -12.61 -4.45 -13.99
N TRP B 38 -13.24 -4.78 -15.02
CA TRP B 38 -13.39 -6.19 -15.53
C TRP B 38 -12.41 -6.49 -16.56
N PRO B 39 -11.85 -7.65 -16.69
CA PRO B 39 -10.70 -7.90 -17.65
C PRO B 39 -11.10 -7.48 -19.04
N GLU B 40 -10.36 -6.86 -19.89
CA GLU B 40 -10.63 -6.57 -21.29
C GLU B 40 -9.38 -6.72 -22.16
N TYR B 41 -9.49 -6.93 -23.46
CA TYR B 41 -8.27 -7.07 -24.30
C TYR B 41 -7.56 -5.72 -24.44
N LEU B 42 -6.38 -5.88 -25.09
CA LEU B 42 -5.49 -4.72 -25.20
C LEU B 42 -5.88 -3.87 -26.39
N PRO B 43 -6.32 -2.68 -26.15
CA PRO B 43 -6.70 -1.74 -27.20
C PRO B 43 -5.54 -1.27 -28.03
N ASP B 44 -5.76 -0.89 -29.29
CA ASP B 44 -4.69 -0.45 -30.18
C ASP B 44 -4.01 0.83 -29.68
N VAL B 45 -4.84 1.66 -29.11
CA VAL B 45 -4.32 3.01 -28.71
C VAL B 45 -3.24 2.77 -27.64
N ASP B 46 -3.33 1.65 -26.93
CA ASP B 46 -2.37 1.30 -25.90
C ASP B 46 -1.24 0.36 -26.33
N ALA B 47 -1.33 -0.20 -27.50
CA ALA B 47 -0.41 -1.13 -28.08
C ALA B 47 0.91 -0.53 -28.48
N SER B 48 1.96 -1.32 -28.45
CA SER B 48 3.28 -0.96 -28.86
C SER B 48 3.89 -2.02 -29.81
N ASP B 49 4.01 -3.22 -29.35
CA ASP B 49 4.51 -4.33 -30.23
C ASP B 49 3.64 -4.39 -31.48
N VAL B 50 4.21 -4.53 -32.69
CA VAL B 50 3.38 -4.46 -33.88
C VAL B 50 2.78 -5.80 -34.23
N ASN B 51 3.08 -6.80 -33.46
CA ASN B 51 2.63 -8.18 -33.82
C ASN B 51 1.16 -8.39 -33.60
N LYS B 52 0.51 -9.04 -34.47
CA LYS B 52 -0.98 -9.39 -34.26
C LYS B 52 -1.02 -10.29 -33.08
N THR B 53 -1.85 -10.30 -32.09
CA THR B 53 -1.72 -11.27 -30.95
C THR B 53 -2.54 -12.51 -31.15
N SER B 54 -2.42 -13.55 -30.33
CA SER B 54 -3.17 -14.84 -30.56
C SER B 54 -4.16 -14.95 -29.44
N LYS B 55 -5.39 -15.28 -29.73
CA LYS B 55 -6.37 -15.27 -28.55
C LYS B 55 -7.02 -16.62 -28.55
N PRO B 56 -6.43 -17.58 -27.89
CA PRO B 56 -6.87 -18.96 -27.92
C PRO B 56 -8.27 -19.06 -27.38
N ASP B 57 -8.79 -18.01 -26.72
CA ASP B 57 -10.15 -18.09 -26.28
C ASP B 57 -10.42 -19.27 -25.34
N THR B 58 -11.44 -20.06 -25.70
CA THR B 58 -11.97 -21.08 -24.82
C THR B 58 -10.99 -22.15 -24.45
N SER B 59 -9.91 -22.32 -25.09
CA SER B 59 -8.96 -23.40 -24.75
C SER B 59 -8.06 -22.94 -23.65
N VAL B 60 -7.87 -21.68 -23.39
CA VAL B 60 -7.10 -21.16 -22.31
C VAL B 60 -8.01 -20.49 -21.32
N CYS B 61 -9.19 -20.05 -21.71
CA CYS B 61 -10.01 -19.29 -20.68
C CYS B 61 -11.00 -20.16 -20.03
N ARG B 62 -10.58 -21.16 -19.32
CA ARG B 62 -11.45 -22.13 -18.62
C ARG B 62 -10.92 -22.21 -17.21
N PHE B 63 -11.51 -23.05 -16.36
CA PHE B 63 -11.11 -23.06 -14.92
C PHE B 63 -10.13 -24.15 -14.61
N TYR B 64 -8.95 -23.85 -14.15
CA TYR B 64 -7.98 -24.89 -13.67
C TYR B 64 -8.04 -24.98 -12.14
N THR B 65 -8.30 -26.16 -11.59
CA THR B 65 -8.29 -26.32 -10.10
C THR B 65 -6.94 -26.77 -9.64
N LEU B 66 -6.13 -25.96 -9.04
CA LEU B 66 -4.89 -26.33 -8.37
C LEU B 66 -5.12 -27.40 -7.28
N ASP B 67 -4.01 -28.09 -7.00
CA ASP B 67 -4.06 -29.08 -5.90
C ASP B 67 -4.46 -28.56 -4.57
N SER B 68 -5.17 -29.35 -3.78
CA SER B 68 -5.75 -28.79 -2.52
C SER B 68 -4.95 -28.52 -1.33
N LYS B 69 -5.11 -27.59 -0.49
CA LYS B 69 -4.33 -27.36 0.76
C LYS B 69 -5.16 -27.87 1.96
N THR B 70 -4.48 -28.00 3.12
CA THR B 70 -5.15 -28.46 4.32
C THR B 70 -4.99 -27.48 5.49
N TRP B 71 -6.11 -26.92 5.84
CA TRP B 71 -6.12 -25.87 6.90
C TRP B 71 -6.21 -26.69 8.18
N THR B 72 -5.28 -26.38 8.98
CA THR B 72 -5.23 -26.98 10.33
C THR B 72 -4.91 -25.79 11.27
N THR B 73 -5.09 -26.21 12.50
CA THR B 73 -5.00 -25.21 13.55
C THR B 73 -3.66 -24.58 13.58
N GLY B 74 -2.68 -25.23 12.98
CA GLY B 74 -1.39 -24.54 12.97
C GLY B 74 -1.07 -23.77 11.74
N SER B 75 -1.97 -23.69 10.78
CA SER B 75 -1.64 -23.11 9.42
C SER B 75 -1.25 -21.68 9.49
N LYS B 76 -0.31 -21.19 8.74
CA LYS B 76 -0.01 -19.76 8.75
C LYS B 76 -0.60 -19.10 7.51
N GLY B 77 -0.69 -19.75 6.40
CA GLY B 77 -1.34 -19.08 5.19
C GLY B 77 -0.62 -19.55 3.98
N TRP B 78 -1.07 -19.38 2.76
CA TRP B 78 -0.36 -19.87 1.53
C TRP B 78 -0.31 -18.73 0.52
N CYS B 79 0.58 -18.77 -0.40
CA CYS B 79 0.72 -17.71 -1.37
C CYS B 79 1.01 -18.30 -2.73
N TRP B 80 0.26 -17.93 -3.76
CA TRP B 80 0.48 -18.36 -5.14
C TRP B 80 0.78 -17.09 -5.98
N LYS B 81 1.54 -17.25 -7.00
CA LYS B 81 1.82 -16.09 -7.92
C LYS B 81 1.18 -16.38 -9.26
N LEU B 82 0.72 -15.37 -10.00
CA LEU B 82 0.12 -15.49 -11.34
C LEU B 82 0.97 -14.71 -12.35
N PRO B 83 1.22 -15.20 -13.56
CA PRO B 83 0.70 -16.44 -14.07
C PRO B 83 1.38 -17.70 -13.66
N ASP B 84 2.33 -17.72 -12.77
CA ASP B 84 3.10 -18.90 -12.38
C ASP B 84 2.25 -20.13 -12.03
N ALA B 85 1.38 -20.00 -11.04
CA ALA B 85 0.53 -21.06 -10.63
C ALA B 85 -0.02 -21.78 -11.84
N LEU B 86 -0.23 -21.14 -12.94
CA LEU B 86 -0.84 -21.87 -14.08
C LEU B 86 0.19 -22.31 -15.09
N LYS B 87 1.45 -22.18 -14.95
CA LYS B 87 2.55 -22.45 -15.88
C LYS B 87 2.49 -23.81 -16.48
N ASP B 88 1.80 -24.73 -15.90
CA ASP B 88 1.60 -26.06 -16.39
C ASP B 88 0.20 -26.48 -16.68
N MET B 89 -0.78 -25.60 -16.72
CA MET B 89 -2.14 -26.02 -16.96
C MET B 89 -2.44 -25.98 -18.45
N GLY B 90 -2.64 -27.14 -18.97
CA GLY B 90 -3.18 -27.37 -20.33
C GLY B 90 -2.52 -26.49 -21.36
N VAL B 91 -3.31 -25.99 -22.29
CA VAL B 91 -2.76 -25.14 -23.35
C VAL B 91 -2.42 -23.74 -22.86
N PHE B 92 -2.88 -23.34 -21.67
CA PHE B 92 -2.56 -22.00 -21.15
C PHE B 92 -1.04 -21.98 -21.01
N GLY B 93 -0.57 -22.95 -20.26
CA GLY B 93 0.84 -23.12 -20.05
C GLY B 93 1.65 -23.24 -21.28
N GLN B 94 1.24 -23.93 -22.30
CA GLN B 94 2.11 -24.12 -23.48
C GLN B 94 2.35 -22.76 -24.13
N ASN B 95 1.25 -22.05 -24.30
CA ASN B 95 1.21 -20.73 -24.94
C ASN B 95 2.20 -19.83 -24.24
N MET B 96 2.16 -19.95 -22.91
CA MET B 96 3.00 -19.19 -22.00
C MET B 96 4.45 -19.36 -22.31
N PHE B 97 4.95 -20.59 -22.45
CA PHE B 97 6.36 -20.87 -22.71
C PHE B 97 6.79 -20.60 -24.13
N PHE B 98 5.87 -20.67 -25.06
CA PHE B 98 6.05 -20.49 -26.45
C PHE B 98 5.93 -19.05 -26.88
N HIS B 99 5.25 -18.10 -26.30
CA HIS B 99 5.33 -16.72 -26.84
C HIS B 99 6.24 -15.87 -25.99
N SER B 100 6.84 -14.92 -26.59
CA SER B 100 7.66 -13.88 -26.01
C SER B 100 6.89 -13.00 -25.04
N LEU B 101 5.65 -12.74 -25.26
CA LEU B 101 4.84 -11.82 -24.43
C LEU B 101 3.45 -12.33 -24.26
N GLY B 102 2.74 -12.00 -23.25
CA GLY B 102 1.31 -12.59 -23.17
C GLY B 102 0.65 -11.61 -22.19
N ARG B 103 -0.61 -11.73 -22.02
CA ARG B 103 -1.32 -10.78 -21.06
C ARG B 103 -2.58 -11.48 -20.65
N SER B 104 -3.05 -11.28 -19.40
CA SER B 104 -4.28 -12.01 -19.00
C SER B 104 -4.95 -11.46 -17.78
N GLY B 105 -6.21 -11.65 -17.58
CA GLY B 105 -6.94 -11.28 -16.35
C GLY B 105 -7.35 -12.65 -15.79
N TYR B 106 -7.97 -12.76 -14.62
CA TYR B 106 -8.35 -14.08 -14.11
C TYR B 106 -9.63 -13.99 -13.30
N THR B 107 -10.33 -15.10 -13.17
CA THR B 107 -11.37 -15.22 -12.15
C THR B 107 -10.78 -16.20 -11.09
N VAL B 108 -10.64 -15.85 -9.86
CA VAL B 108 -10.10 -16.71 -8.78
C VAL B 108 -11.26 -17.15 -7.92
N HIS B 109 -11.41 -18.42 -7.68
CA HIS B 109 -12.58 -18.88 -6.83
C HIS B 109 -12.02 -19.68 -5.69
N VAL B 110 -11.89 -19.26 -4.47
CA VAL B 110 -11.31 -20.08 -3.35
C VAL B 110 -12.45 -20.74 -2.57
N GLN B 111 -12.35 -22.01 -2.33
CA GLN B 111 -13.40 -22.83 -1.73
C GLN B 111 -13.04 -23.47 -0.38
N CYS B 112 -13.92 -23.34 0.60
CA CYS B 112 -13.69 -24.01 1.88
C CYS B 112 -14.98 -24.21 2.62
N ASN B 113 -15.54 -25.39 2.64
CA ASN B 113 -16.86 -25.56 3.36
C ASN B 113 -16.67 -26.33 4.68
N ALA B 114 -17.52 -26.16 5.63
CA ALA B 114 -17.39 -26.74 6.98
C ALA B 114 -18.78 -27.07 7.48
N THR B 115 -19.16 -26.78 8.70
CA THR B 115 -20.58 -27.01 9.11
C THR B 115 -20.95 -25.85 10.04
N LYS B 116 -22.21 -25.80 10.51
CA LYS B 116 -22.58 -24.64 11.38
C LYS B 116 -22.02 -24.79 12.78
N PHE B 117 -21.12 -25.72 13.03
CA PHE B 117 -20.51 -25.81 14.39
C PHE B 117 -19.06 -25.36 14.29
N HIS B 118 -18.51 -25.32 13.06
CA HIS B 118 -17.09 -24.84 12.92
C HIS B 118 -17.02 -23.33 13.01
N SER B 119 -15.87 -22.76 13.24
CA SER B 119 -15.56 -21.33 13.26
C SER B 119 -14.17 -21.24 12.56
N GLY B 120 -13.87 -20.09 12.13
CA GLY B 120 -12.53 -19.91 11.41
C GLY B 120 -12.86 -18.83 10.35
N CYS B 121 -11.89 -18.10 9.92
CA CYS B 121 -12.12 -17.07 8.91
C CYS B 121 -10.89 -16.86 8.09
N LEU B 122 -10.84 -17.02 6.78
CA LEU B 122 -9.64 -16.87 5.95
C LEU B 122 -9.68 -15.49 5.28
N LEU B 123 -8.62 -14.82 5.02
CA LEU B 123 -8.61 -13.57 4.21
C LEU B 123 -8.19 -14.00 2.81
N VAL B 124 -8.82 -13.71 1.75
CA VAL B 124 -8.41 -14.06 0.39
C VAL B 124 -8.04 -12.75 -0.28
N VAL B 125 -6.82 -12.45 -0.61
CA VAL B 125 -6.46 -11.10 -1.12
C VAL B 125 -5.61 -11.19 -2.34
N VAL B 126 -5.72 -10.24 -3.24
CA VAL B 126 -4.87 -10.22 -4.46
C VAL B 126 -3.95 -9.04 -4.37
N ILE B 127 -2.65 -9.19 -4.40
CA ILE B 127 -1.73 -8.04 -4.28
C ILE B 127 -1.00 -7.75 -5.58
N PRO B 128 -1.29 -6.64 -6.26
CA PRO B 128 -0.59 -6.35 -7.53
C PRO B 128 0.85 -6.04 -7.15
N GLU B 129 1.79 -6.56 -7.91
CA GLU B 129 3.21 -6.45 -7.75
C GLU B 129 3.75 -6.77 -6.40
N HIS B 130 3.50 -7.88 -5.82
CA HIS B 130 3.98 -8.33 -4.53
C HIS B 130 5.44 -8.69 -4.48
N GLN B 131 6.34 -7.77 -4.41
CA GLN B 131 7.81 -8.00 -4.38
C GLN B 131 8.12 -8.54 -3.00
N LEU B 132 8.60 -9.75 -2.86
CA LEU B 132 8.85 -10.43 -1.56
C LEU B 132 10.15 -9.93 -0.94
N ALA B 133 10.37 -10.19 0.31
CA ALA B 133 11.62 -9.80 1.02
C ALA B 133 12.45 -11.02 1.31
N SER B 134 13.77 -10.86 1.33
CA SER B 134 14.66 -12.00 1.69
C SER B 134 14.63 -12.10 3.20
N HIS B 135 14.55 -13.24 3.80
CA HIS B 135 14.65 -13.31 5.30
C HIS B 135 16.05 -12.99 5.75
N GLU B 136 17.06 -13.05 4.92
CA GLU B 136 18.40 -12.65 5.31
C GLU B 136 18.56 -11.19 5.68
N GLY B 137 17.72 -10.32 5.24
CA GLY B 137 17.88 -8.86 5.50
C GLY B 137 18.83 -8.24 4.49
N GLY B 138 19.39 -7.12 4.85
CA GLY B 138 20.39 -6.46 3.98
C GLY B 138 19.94 -6.32 2.58
N ASN B 139 20.62 -6.83 1.61
CA ASN B 139 20.14 -6.71 0.20
C ASN B 139 20.29 -8.07 -0.44
N VAL B 140 20.06 -9.08 0.36
CA VAL B 140 20.10 -10.48 -0.16
C VAL B 140 18.93 -10.58 -1.14
N SER B 141 19.11 -11.23 -2.27
CA SER B 141 17.95 -11.30 -3.24
C SER B 141 17.13 -12.54 -2.96
N VAL B 142 16.02 -12.75 -3.60
CA VAL B 142 15.19 -13.93 -3.45
C VAL B 142 15.31 -14.64 -4.81
N LYS B 143 15.96 -15.77 -4.86
CA LYS B 143 16.17 -16.45 -6.14
C LYS B 143 14.80 -16.86 -6.77
N TYR B 144 14.88 -16.87 -8.08
CA TYR B 144 13.89 -17.15 -9.09
C TYR B 144 13.01 -18.32 -8.70
N THR B 145 13.66 -19.42 -8.63
CA THR B 145 12.91 -20.63 -8.17
C THR B 145 12.07 -20.33 -6.98
N PHE B 146 12.57 -19.64 -6.01
CA PHE B 146 11.75 -19.37 -4.83
C PHE B 146 10.52 -18.56 -5.07
N THR B 147 10.44 -17.74 -6.06
CA THR B 147 9.31 -16.91 -6.34
C THR B 147 8.55 -17.53 -7.51
N HIS B 148 8.81 -18.73 -7.86
CA HIS B 148 8.10 -19.40 -8.93
C HIS B 148 7.72 -20.82 -8.51
N PRO B 149 7.08 -20.95 -7.34
CA PRO B 149 6.67 -22.21 -6.81
C PRO B 149 5.75 -22.97 -7.69
N GLY B 150 5.14 -22.39 -8.68
CA GLY B 150 4.23 -23.23 -9.55
C GLY B 150 2.97 -23.47 -8.72
N GLU B 151 2.29 -24.53 -9.09
CA GLU B 151 0.91 -24.80 -8.57
C GLU B 151 1.01 -25.03 -7.11
N ARG B 152 2.13 -25.43 -6.61
CA ARG B 152 2.34 -25.71 -5.18
C ARG B 152 2.19 -24.46 -4.33
N GLY B 153 2.60 -23.33 -4.89
CA GLY B 153 2.52 -22.03 -4.18
C GLY B 153 3.55 -22.07 -3.06
N ILE B 154 3.61 -21.13 -2.24
CA ILE B 154 4.50 -20.96 -1.13
C ILE B 154 3.73 -21.23 0.15
N ASP B 155 4.25 -21.96 1.11
CA ASP B 155 3.56 -22.30 2.35
C ASP B 155 4.29 -21.52 3.45
N LEU B 156 3.56 -20.54 3.87
CA LEU B 156 4.02 -19.62 4.90
C LEU B 156 4.32 -20.29 6.19
N SER B 157 4.14 -21.56 6.32
CA SER B 157 4.47 -22.18 7.66
C SER B 157 5.60 -23.16 7.41
N SER B 158 6.13 -23.14 6.21
CA SER B 158 7.31 -23.93 5.86
C SER B 158 8.52 -23.20 6.44
N ALA B 159 9.66 -23.81 6.42
CA ALA B 159 10.87 -23.15 7.01
C ALA B 159 11.61 -22.19 6.10
N ASN B 160 12.31 -21.22 6.71
CA ASN B 160 13.15 -20.34 5.82
C ASN B 160 14.04 -21.24 5.00
N GLU B 161 14.26 -20.92 3.76
CA GLU B 161 15.26 -21.72 2.95
C GLU B 161 16.24 -20.69 2.40
N VAL B 162 17.24 -21.17 1.68
CA VAL B 162 18.35 -20.15 1.39
C VAL B 162 18.08 -19.63 0.03
N GLY B 163 17.86 -18.33 -0.05
CA GLY B 163 17.62 -17.77 -1.41
C GLY B 163 16.12 -17.63 -1.62
N GLY B 164 15.43 -18.11 -0.60
CA GLY B 164 13.96 -18.00 -0.59
C GLY B 164 13.56 -16.70 0.13
N PRO B 165 12.25 -16.40 0.09
CA PRO B 165 11.67 -15.24 0.75
C PRO B 165 11.46 -15.50 2.23
N VAL B 166 11.16 -14.48 2.99
CA VAL B 166 10.80 -14.59 4.43
C VAL B 166 9.37 -15.09 4.50
N LYS B 167 8.92 -15.80 5.53
CA LYS B 167 7.51 -16.31 5.46
C LYS B 167 6.71 -15.89 6.64
N ASP B 168 7.09 -14.85 7.27
CA ASP B 168 6.47 -14.24 8.46
C ASP B 168 5.13 -13.67 8.15
N VAL B 169 3.99 -14.13 8.48
CA VAL B 169 2.71 -13.56 8.19
C VAL B 169 2.42 -12.15 8.74
N LEU B 170 2.69 -11.78 9.99
CA LEU B 170 2.26 -10.39 10.41
C LEU B 170 2.96 -9.41 9.45
N TYR B 171 3.87 -9.75 8.59
CA TYR B 171 4.49 -8.76 7.70
C TYR B 171 4.26 -8.92 6.22
N ASN B 172 3.29 -9.68 5.72
CA ASN B 172 2.95 -9.82 4.34
C ASN B 172 4.15 -10.23 3.49
N MET B 173 5.20 -10.79 4.03
CA MET B 173 6.37 -11.15 3.21
C MET B 173 7.04 -9.90 2.61
N ASN B 174 6.78 -8.72 3.17
CA ASN B 174 7.45 -7.53 2.66
C ASN B 174 7.58 -6.36 3.60
N GLY B 175 7.44 -6.37 4.88
CA GLY B 175 7.65 -5.19 5.66
C GLY B 175 6.40 -4.37 5.82
N THR B 176 5.26 -4.93 5.59
CA THR B 176 3.95 -4.18 5.86
C THR B 176 3.10 -4.99 6.77
N LEU B 177 2.15 -4.46 7.47
CA LEU B 177 1.39 -5.28 8.46
C LEU B 177 0.19 -6.00 7.89
N LEU B 178 -0.06 -7.24 8.30
CA LEU B 178 -1.17 -8.07 7.87
C LEU B 178 -2.48 -7.27 7.94
N GLY B 179 -2.73 -6.61 9.00
CA GLY B 179 -3.90 -5.77 9.16
C GLY B 179 -4.21 -4.87 8.03
N ASN B 180 -3.30 -4.35 7.23
CA ASN B 180 -3.57 -3.41 6.16
C ASN B 180 -3.66 -4.00 4.80
N LEU B 181 -3.76 -5.24 4.67
CA LEU B 181 -3.84 -5.95 3.38
C LEU B 181 -5.23 -5.69 2.83
N LEU B 182 -6.08 -5.19 3.69
CA LEU B 182 -7.48 -4.92 3.34
C LEU B 182 -7.51 -3.77 2.35
N ILE B 183 -6.42 -2.97 2.20
CA ILE B 183 -6.48 -1.96 1.12
C ILE B 183 -6.43 -2.67 -0.26
N PHE B 184 -6.04 -3.94 -0.38
CA PHE B 184 -6.04 -4.66 -1.67
C PHE B 184 -7.38 -5.36 -1.89
N PRO B 185 -7.80 -5.52 -3.16
CA PRO B 185 -9.09 -6.23 -3.44
C PRO B 185 -9.10 -7.49 -2.63
N HIS B 186 -10.05 -7.75 -1.82
CA HIS B 186 -10.00 -9.01 -1.04
C HIS B 186 -11.38 -9.39 -0.62
N GLN B 187 -11.48 -10.56 -0.06
CA GLN B 187 -12.90 -11.04 0.41
C GLN B 187 -12.62 -11.98 1.53
N PHE B 188 -13.41 -12.20 2.55
CA PHE B 188 -13.12 -13.10 3.69
C PHE B 188 -13.90 -14.39 3.44
N ILE B 189 -13.54 -15.50 3.97
CA ILE B 189 -14.36 -16.74 3.93
C ILE B 189 -14.64 -16.99 5.44
N ASN B 190 -15.75 -16.68 5.96
CA ASN B 190 -16.01 -16.86 7.47
C ASN B 190 -16.99 -18.06 7.51
N LEU B 191 -16.50 -19.17 8.04
CA LEU B 191 -17.25 -20.44 7.96
C LEU B 191 -18.69 -20.19 8.27
N ARG B 192 -18.95 -19.31 9.19
CA ARG B 192 -20.33 -19.03 9.60
C ARG B 192 -21.12 -18.32 8.53
N THR B 193 -20.60 -17.73 7.49
CA THR B 193 -21.27 -16.93 6.52
C THR B 193 -21.23 -17.48 5.11
N ASN B 194 -20.15 -17.50 4.54
CA ASN B 194 -19.40 -17.76 3.42
C ASN B 194 -18.84 -19.11 3.20
N ASN B 195 -18.61 -19.65 2.02
CA ASN B 195 -17.91 -20.95 1.84
C ASN B 195 -16.97 -20.78 0.66
N THR B 196 -17.13 -19.74 -0.13
CA THR B 196 -16.21 -19.42 -1.22
C THR B 196 -15.94 -17.93 -1.19
N ALA B 197 -14.95 -17.51 -1.95
CA ALA B 197 -14.47 -16.15 -2.21
C ALA B 197 -14.23 -16.10 -3.73
N THR B 198 -14.63 -15.08 -4.43
CA THR B 198 -14.39 -14.96 -5.88
C THR B 198 -13.90 -13.54 -6.16
N ILE B 199 -12.81 -13.43 -6.85
CA ILE B 199 -12.25 -12.12 -7.20
C ILE B 199 -11.99 -12.11 -8.69
N VAL B 200 -12.39 -11.12 -9.44
CA VAL B 200 -12.09 -11.00 -10.90
C VAL B 200 -10.95 -10.02 -10.98
N ILE B 201 -9.86 -10.40 -11.62
CA ILE B 201 -8.64 -9.57 -11.72
C ILE B 201 -8.42 -9.09 -13.16
N PRO B 202 -8.49 -7.79 -13.36
CA PRO B 202 -8.18 -7.17 -14.64
C PRO B 202 -6.67 -7.18 -14.79
N TYR B 203 -6.07 -7.06 -15.89
CA TYR B 203 -4.62 -7.04 -16.11
C TYR B 203 -4.02 -5.77 -15.58
N ILE B 204 -3.14 -5.72 -14.63
CA ILE B 204 -2.59 -4.45 -14.06
C ILE B 204 -1.11 -4.37 -14.28
N ASN B 205 -0.58 -3.55 -15.08
CA ASN B 205 0.88 -3.46 -15.34
C ASN B 205 1.20 -2.05 -15.80
N SER B 206 2.48 -1.67 -15.86
CA SER B 206 2.95 -0.36 -16.28
C SER B 206 3.39 -0.45 -17.77
N VAL B 207 3.27 -1.61 -18.35
CA VAL B 207 3.49 -1.82 -19.78
C VAL B 207 2.29 -2.55 -20.35
N PRO B 208 2.05 -2.40 -21.66
CA PRO B 208 0.84 -2.96 -22.24
C PRO B 208 0.76 -4.47 -22.28
N ILE B 209 1.84 -5.13 -22.29
CA ILE B 209 2.02 -6.59 -22.38
C ILE B 209 3.45 -6.82 -21.86
N ASP B 210 3.68 -7.95 -21.31
CA ASP B 210 4.97 -8.22 -20.65
C ASP B 210 5.39 -9.64 -20.84
N SER B 211 6.44 -10.06 -20.22
CA SER B 211 6.86 -11.47 -20.30
C SER B 211 6.12 -12.26 -19.26
N MET B 212 5.66 -13.45 -19.53
CA MET B 212 4.90 -14.19 -18.49
C MET B 212 5.82 -14.94 -17.60
N THR B 213 7.07 -15.09 -17.93
CA THR B 213 7.95 -15.91 -17.10
C THR B 213 8.81 -15.05 -16.29
N ARG B 214 9.32 -13.92 -16.68
CA ARG B 214 10.24 -13.19 -15.74
C ARG B 214 9.48 -12.32 -14.82
N HIS B 215 8.19 -12.20 -14.94
CA HIS B 215 7.49 -11.26 -13.99
C HIS B 215 6.10 -11.73 -13.63
N ASN B 216 5.78 -11.89 -12.39
CA ASN B 216 4.45 -12.33 -11.95
C ASN B 216 3.73 -11.02 -11.63
N ASN B 217 2.47 -10.90 -11.96
CA ASN B 217 1.85 -9.58 -11.73
C ASN B 217 0.90 -9.62 -10.60
N VAL B 218 0.55 -10.70 -9.97
CA VAL B 218 -0.29 -10.64 -8.73
C VAL B 218 0.13 -11.85 -7.89
N SER B 219 0.00 -11.69 -6.61
CA SER B 219 0.13 -12.94 -5.75
C SER B 219 -1.31 -13.06 -5.19
N LEU B 220 -1.82 -14.21 -5.15
CA LEU B 220 -3.12 -14.51 -4.51
C LEU B 220 -2.68 -14.98 -3.13
N MET B 221 -3.26 -14.61 -2.07
CA MET B 221 -2.81 -15.05 -0.72
C MET B 221 -4.02 -15.52 0.06
N VAL B 222 -4.01 -16.68 0.64
CA VAL B 222 -5.16 -17.13 1.49
C VAL B 222 -4.54 -17.24 2.90
N ILE B 223 -5.00 -16.51 3.87
CA ILE B 223 -4.42 -16.49 5.25
C ILE B 223 -5.41 -16.76 6.31
N PRO B 224 -5.27 -17.81 7.11
CA PRO B 224 -6.26 -18.00 8.23
C PRO B 224 -6.08 -16.81 9.17
N ILE B 225 -7.05 -16.15 9.63
CA ILE B 225 -6.96 -15.03 10.58
C ILE B 225 -7.67 -15.43 11.88
N ALA B 226 -8.91 -15.86 11.85
CA ALA B 226 -9.52 -16.41 13.07
C ALA B 226 -9.24 -17.93 12.82
N PRO B 227 -8.48 -18.49 13.72
CA PRO B 227 -8.07 -19.89 13.70
C PRO B 227 -9.23 -20.83 13.49
N LEU B 228 -8.91 -21.96 12.87
CA LEU B 228 -9.99 -22.97 12.61
C LEU B 228 -10.37 -23.59 13.93
N THR B 229 -11.62 -23.69 14.21
CA THR B 229 -12.05 -24.36 15.48
C THR B 229 -13.08 -25.39 15.18
N VAL B 230 -12.75 -26.70 15.23
CA VAL B 230 -13.79 -27.68 14.86
C VAL B 230 -14.63 -28.11 16.05
N PRO B 231 -15.82 -28.59 15.73
CA PRO B 231 -16.72 -29.11 16.79
C PRO B 231 -15.97 -30.24 17.47
N THR B 232 -16.43 -30.57 18.64
CA THR B 232 -15.88 -31.56 19.52
C THR B 232 -15.77 -32.94 18.89
N GLY B 233 -14.48 -33.35 19.07
CA GLY B 233 -14.14 -34.68 18.44
C GLY B 233 -14.36 -34.68 16.95
N ALA B 234 -14.27 -33.52 16.34
CA ALA B 234 -14.31 -33.48 14.85
C ALA B 234 -12.86 -33.65 14.45
N THR B 235 -12.63 -34.06 13.23
CA THR B 235 -11.24 -33.99 12.76
C THR B 235 -10.81 -32.52 12.76
N PRO B 236 -9.69 -32.33 13.23
CA PRO B 236 -9.21 -30.92 13.31
C PRO B 236 -8.70 -30.39 12.03
N SER B 237 -9.29 -30.61 10.88
CA SER B 237 -8.76 -29.83 9.69
C SER B 237 -9.78 -29.77 8.60
N LEU B 238 -9.64 -28.84 7.68
CA LEU B 238 -10.54 -28.69 6.47
C LEU B 238 -9.65 -28.51 5.26
N PRO B 239 -9.98 -29.00 4.11
CA PRO B 239 -9.14 -28.71 2.87
C PRO B 239 -9.55 -27.36 2.35
N ILE B 240 -8.69 -26.65 1.73
CA ILE B 240 -9.04 -25.36 1.03
C ILE B 240 -8.74 -25.63 -0.46
N THR B 241 -9.57 -25.40 -1.41
CA THR B 241 -9.20 -25.61 -2.83
C THR B 241 -9.14 -24.33 -3.59
N VAL B 242 -8.19 -24.10 -4.46
CA VAL B 242 -8.18 -22.82 -5.26
C VAL B 242 -8.45 -23.16 -6.71
N THR B 243 -9.46 -22.65 -7.39
CA THR B 243 -9.66 -22.89 -8.86
C THR B 243 -9.48 -21.56 -9.53
N ILE B 244 -8.72 -21.38 -10.53
CA ILE B 244 -8.44 -20.13 -11.24
C ILE B 244 -8.59 -20.22 -12.76
N ALA B 245 -9.22 -19.23 -13.39
CA ALA B 245 -9.40 -19.24 -14.86
C ALA B 245 -8.83 -18.06 -15.55
N PRO B 246 -7.89 -18.19 -16.42
CA PRO B 246 -7.42 -17.04 -17.23
C PRO B 246 -8.63 -16.51 -17.98
N MET B 247 -8.62 -15.19 -18.17
CA MET B 247 -9.77 -14.57 -18.94
C MET B 247 -9.17 -13.40 -19.71
N CYS B 248 -9.70 -13.28 -20.93
CA CYS B 248 -9.25 -12.43 -22.01
C CYS B 248 -7.74 -12.64 -22.28
N THR B 249 -7.21 -13.78 -22.32
CA THR B 249 -5.79 -14.00 -22.56
C THR B 249 -5.37 -13.71 -23.95
N GLU B 250 -4.20 -13.09 -24.11
CA GLU B 250 -3.62 -12.80 -25.46
C GLU B 250 -2.11 -13.13 -25.39
N PHE B 251 -1.64 -13.75 -26.42
CA PHE B 251 -0.20 -14.09 -26.47
C PHE B 251 0.35 -13.42 -27.70
N SER B 252 1.57 -13.03 -27.68
CA SER B 252 2.21 -12.38 -28.85
C SER B 252 3.68 -12.65 -28.88
N GLY B 253 4.23 -12.66 -30.10
CA GLY B 253 5.69 -12.90 -30.29
C GLY B 253 6.03 -14.36 -30.08
N ILE B 254 5.53 -15.23 -30.96
CA ILE B 254 5.69 -16.65 -30.93
C ILE B 254 7.06 -17.02 -31.54
N ARG B 255 7.56 -18.10 -31.02
CA ARG B 255 8.90 -18.58 -31.40
C ARG B 255 9.24 -19.94 -30.80
N SER B 256 10.44 -19.97 -30.30
CA SER B 256 11.08 -21.19 -29.94
C SER B 256 10.65 -21.70 -28.64
N LYS B 257 10.19 -21.08 -27.65
CA LYS B 257 9.86 -21.89 -26.39
C LYS B 257 10.92 -21.69 -25.29
N SER B 258 10.62 -20.85 -24.33
CA SER B 258 11.47 -20.43 -23.29
C SER B 258 11.94 -21.63 -22.47
N ILE B 259 13.17 -21.45 -22.00
CA ILE B 259 13.76 -22.49 -21.04
C ILE B 259 13.98 -21.78 -19.71
N VAL B 260 13.37 -22.19 -18.63
CA VAL B 260 13.59 -21.26 -17.42
C VAL B 260 14.26 -22.07 -16.37
N PRO B 261 15.01 -21.40 -15.50
CA PRO B 261 15.65 -22.04 -14.41
C PRO B 261 14.71 -23.04 -13.71
N GLN B 262 15.46 -24.11 -13.38
CA GLN B 262 15.16 -25.26 -12.55
C GLN B 262 14.06 -26.09 -13.13
N GLY C 1 17.00 48.44 -20.35
CA GLY C 1 16.97 48.01 -18.83
C GLY C 1 15.99 48.41 -17.79
N LEU C 2 14.96 47.62 -17.39
CA LEU C 2 13.91 47.97 -16.46
C LEU C 2 14.28 48.00 -15.01
N PRO C 3 14.11 49.07 -14.24
CA PRO C 3 14.56 49.17 -12.82
C PRO C 3 13.85 48.25 -11.89
N THR C 4 14.48 47.46 -11.06
CA THR C 4 13.95 46.53 -10.09
C THR C 4 14.55 46.79 -8.71
N THR C 5 13.95 46.21 -7.70
CA THR C 5 14.37 46.21 -6.31
C THR C 5 14.28 44.82 -5.71
N THR C 6 15.25 44.20 -5.09
CA THR C 6 14.91 42.76 -4.64
C THR C 6 14.44 42.77 -3.26
N LEU C 7 13.49 41.89 -2.89
CA LEU C 7 12.94 41.92 -1.50
C LEU C 7 13.65 40.88 -0.59
N PRO C 8 13.36 41.04 0.69
CA PRO C 8 13.83 40.07 1.68
C PRO C 8 13.36 38.72 1.17
N GLY C 9 14.13 37.68 1.24
CA GLY C 9 13.74 36.31 0.87
C GLY C 9 14.37 35.94 -0.47
N SER C 10 14.89 36.96 -1.16
CA SER C 10 15.55 36.62 -2.44
C SER C 10 16.62 35.55 -2.18
N GLY C 11 16.80 34.70 -3.14
CA GLY C 11 17.69 33.60 -3.06
C GLY C 11 17.30 32.54 -2.11
N GLN C 12 16.28 32.57 -1.36
CA GLN C 12 16.01 31.44 -0.41
C GLN C 12 15.50 30.25 -1.14
N PHE C 13 15.61 29.08 -0.61
CA PHE C 13 15.01 27.80 -1.16
C PHE C 13 13.96 27.30 -0.16
N LEU C 14 12.71 27.36 -0.47
CA LEU C 14 11.63 26.93 0.47
C LEU C 14 11.14 25.61 -0.05
N THR C 15 11.26 24.48 0.61
CA THR C 15 10.95 23.19 -0.06
C THR C 15 9.53 23.12 -0.53
N THR C 16 8.64 24.00 -0.16
CA THR C 16 7.21 24.01 -0.43
C THR C 16 6.67 24.97 -1.41
N ASP C 17 7.52 25.77 -2.07
CA ASP C 17 7.18 26.78 -3.02
C ASP C 17 6.91 26.06 -4.34
N ASP C 18 6.23 26.64 -5.31
CA ASP C 18 5.93 25.94 -6.57
C ASP C 18 6.13 26.86 -7.76
N ARG C 19 7.25 26.76 -8.41
CA ARG C 19 7.57 27.66 -9.53
C ARG C 19 8.06 26.90 -10.76
N GLN C 20 8.32 27.68 -11.84
CA GLN C 20 8.79 27.06 -13.10
C GLN C 20 10.32 26.93 -13.09
N SER C 21 10.88 26.05 -13.82
CA SER C 21 12.27 25.76 -13.95
C SER C 21 12.58 25.41 -15.38
N PRO C 22 13.78 25.67 -15.77
CA PRO C 22 14.19 25.18 -17.14
C PRO C 22 14.22 23.66 -17.18
N SER C 23 13.80 23.04 -18.29
CA SER C 23 13.93 21.58 -18.44
C SER C 23 15.37 21.25 -18.87
N ALA C 24 16.04 20.33 -18.21
CA ALA C 24 17.37 19.87 -18.58
C ALA C 24 17.36 19.10 -19.91
N LEU C 25 16.36 18.41 -20.25
CA LEU C 25 16.10 17.64 -21.42
C LEU C 25 15.07 18.34 -22.35
N PRO C 26 15.55 19.36 -23.02
CA PRO C 26 14.71 20.10 -23.97
C PRO C 26 14.34 19.10 -25.07
N ASN C 27 13.07 19.13 -25.35
CA ASN C 27 12.41 18.44 -26.40
C ASN C 27 12.15 16.97 -26.40
N TYR C 28 12.40 16.38 -25.32
CA TYR C 28 12.29 14.95 -25.04
C TYR C 28 10.84 14.56 -24.98
N GLU C 29 10.47 13.46 -25.46
CA GLU C 29 9.13 12.96 -25.49
C GLU C 29 8.85 11.82 -24.62
N PRO C 30 8.09 12.03 -23.54
CA PRO C 30 7.84 10.93 -22.55
C PRO C 30 7.07 9.77 -23.09
N THR C 31 7.18 8.57 -22.52
CA THR C 31 6.41 7.42 -22.97
C THR C 31 4.94 7.69 -22.81
N PRO C 32 4.15 7.25 -23.76
CA PRO C 32 2.69 7.45 -23.76
C PRO C 32 2.09 6.89 -22.50
N ARG C 33 1.01 7.39 -21.99
CA ARG C 33 0.42 6.71 -20.76
C ARG C 33 -0.46 5.56 -21.25
N ILE C 34 -0.55 4.43 -20.63
CA ILE C 34 -1.54 3.41 -21.08
C ILE C 34 -2.55 3.41 -19.93
N HIS C 35 -3.57 2.64 -19.94
CA HIS C 35 -4.58 2.72 -18.84
C HIS C 35 -4.19 1.81 -17.72
N ILE C 36 -4.31 2.13 -16.49
CA ILE C 36 -3.90 1.11 -15.42
C ILE C 36 -5.08 1.20 -14.47
N PRO C 37 -5.76 0.18 -14.04
CA PRO C 37 -6.85 0.31 -13.06
C PRO C 37 -6.28 0.87 -11.77
N GLY C 38 -7.03 1.39 -10.84
CA GLY C 38 -6.60 1.81 -9.57
C GLY C 38 -6.09 3.13 -9.30
N LYS C 39 -6.30 4.18 -10.06
CA LYS C 39 -5.69 5.52 -9.83
C LYS C 39 -6.22 6.12 -8.56
N VAL C 40 -5.30 6.70 -7.78
CA VAL C 40 -5.66 7.39 -6.50
C VAL C 40 -5.58 8.88 -6.71
N HIS C 41 -6.50 9.69 -6.28
CA HIS C 41 -6.31 11.11 -6.43
C HIS C 41 -6.12 11.78 -5.08
N ASN C 42 -6.81 11.41 -4.06
CA ASN C 42 -6.75 12.07 -2.76
C ASN C 42 -6.44 11.05 -1.69
N LEU C 43 -5.70 11.40 -0.68
CA LEU C 43 -5.50 10.40 0.41
C LEU C 43 -6.88 10.19 1.06
N LEU C 44 -7.79 11.13 0.85
CA LEU C 44 -9.14 11.01 1.47
C LEU C 44 -9.84 9.87 0.78
N GLU C 45 -9.42 9.49 -0.43
CA GLU C 45 -10.15 8.39 -1.06
C GLU C 45 -9.85 7.08 -0.35
N ILE C 46 -8.58 6.89 -0.02
CA ILE C 46 -8.18 5.63 0.58
C ILE C 46 -8.48 5.48 2.04
N ILE C 47 -8.46 6.50 2.89
CA ILE C 47 -8.75 6.29 4.32
C ILE C 47 -10.21 5.90 4.54
N GLN C 48 -11.04 5.78 3.51
CA GLN C 48 -12.42 5.29 3.68
C GLN C 48 -12.49 3.80 3.50
N VAL C 49 -11.46 3.15 3.05
CA VAL C 49 -11.43 1.65 3.01
C VAL C 49 -11.11 1.17 4.41
N ASP C 50 -11.85 0.21 4.94
CA ASP C 50 -11.55 -0.18 6.36
C ASP C 50 -10.44 -1.22 6.36
N THR C 51 -9.68 -1.19 7.42
CA THR C 51 -8.59 -2.13 7.72
C THR C 51 -8.73 -2.54 9.19
N LEU C 52 -8.17 -3.65 9.52
CA LEU C 52 -8.21 -4.32 10.80
C LEU C 52 -7.41 -3.54 11.85
N ILE C 53 -7.85 -3.49 13.06
CA ILE C 53 -7.20 -2.87 14.21
C ILE C 53 -6.60 -3.92 15.14
N PRO C 54 -5.33 -3.87 15.42
CA PRO C 54 -4.75 -4.87 16.38
C PRO C 54 -5.25 -4.48 17.75
N MET C 55 -6.50 -4.70 18.09
CA MET C 55 -7.09 -4.29 19.33
C MET C 55 -6.55 -5.01 20.55
N ASN C 56 -6.26 -6.27 20.41
CA ASN C 56 -5.73 -7.19 21.35
C ASN C 56 -4.21 -7.10 21.53
N ASN C 57 -3.66 -5.92 21.43
CA ASN C 57 -2.42 -5.47 21.81
C ASN C 57 -1.61 -6.01 22.98
N THR C 58 -2.10 -6.83 23.78
CA THR C 58 -1.59 -7.40 24.96
C THR C 58 -0.50 -8.38 24.74
N HIS C 59 -0.20 -8.73 23.52
CA HIS C 59 0.95 -9.65 23.36
C HIS C 59 2.26 -8.89 23.55
N THR C 60 3.29 -9.72 23.43
CA THR C 60 4.65 -9.28 23.61
C THR C 60 5.52 -9.22 22.41
N LYS C 61 5.11 -9.78 21.31
CA LYS C 61 5.85 -9.65 20.00
C LYS C 61 4.71 -9.53 18.98
N ASP C 62 4.80 -8.92 17.84
CA ASP C 62 3.64 -8.74 16.95
C ASP C 62 3.12 -10.13 16.53
N GLU C 63 1.85 -10.37 16.65
CA GLU C 63 1.27 -11.66 16.25
C GLU C 63 -0.12 -11.51 15.70
N VAL C 64 -0.57 -12.48 14.87
CA VAL C 64 -1.84 -12.45 14.18
C VAL C 64 -2.96 -12.40 15.21
N ASN C 65 -2.63 -12.47 16.41
CA ASN C 65 -3.55 -12.76 17.49
C ASN C 65 -3.99 -11.55 18.18
N SER C 66 -3.31 -10.51 17.73
CA SER C 66 -3.61 -9.19 18.44
C SER C 66 -4.66 -8.49 17.61
N TYR C 67 -5.06 -9.19 16.52
CA TYR C 67 -6.16 -8.71 15.69
C TYR C 67 -7.43 -9.37 16.22
N LEU C 68 -7.31 -10.41 17.03
CA LEU C 68 -8.48 -11.15 17.51
C LEU C 68 -8.92 -10.71 18.89
N ILE C 69 -10.14 -10.20 19.02
CA ILE C 69 -10.76 -9.85 20.32
C ILE C 69 -11.50 -11.08 20.78
N PRO C 70 -11.15 -11.68 21.90
CA PRO C 70 -11.81 -12.96 22.30
C PRO C 70 -13.10 -12.66 23.01
N LEU C 71 -13.99 -13.61 22.97
CA LEU C 71 -15.31 -13.57 23.59
C LEU C 71 -15.45 -14.87 24.42
N ASN C 72 -16.00 -14.81 25.60
CA ASN C 72 -16.21 -15.96 26.46
C ASN C 72 -17.63 -16.39 26.55
N ALA C 73 -18.02 -17.66 26.38
CA ALA C 73 -19.47 -18.05 26.51
C ALA C 73 -19.98 -17.86 27.92
N ASN C 74 -21.27 -17.75 28.05
CA ASN C 74 -21.88 -17.49 29.30
C ASN C 74 -21.37 -16.42 30.18
N ARG C 75 -20.69 -15.38 29.85
CA ARG C 75 -20.45 -14.28 30.87
C ARG C 75 -21.61 -13.27 30.67
N GLN C 76 -22.02 -12.61 31.64
CA GLN C 76 -23.17 -11.67 31.67
C GLN C 76 -22.61 -10.30 31.99
N ASN C 77 -23.30 -9.22 31.94
CA ASN C 77 -22.87 -7.90 32.34
C ASN C 77 -21.48 -7.49 32.07
N GLU C 78 -20.49 -8.18 31.75
CA GLU C 78 -19.04 -7.85 31.69
C GLU C 78 -18.48 -7.12 30.55
N GLN C 79 -17.21 -6.70 30.55
CA GLN C 79 -16.66 -5.87 29.48
C GLN C 79 -15.77 -6.55 28.50
N VAL C 80 -16.02 -6.44 27.18
CA VAL C 80 -15.25 -7.10 26.14
C VAL C 80 -13.94 -6.41 25.80
N PHE C 81 -13.85 -5.14 25.74
CA PHE C 81 -12.57 -4.44 25.37
C PHE C 81 -12.72 -2.96 25.70
N GLY C 82 -11.70 -2.18 25.62
CA GLY C 82 -11.82 -0.72 25.93
C GLY C 82 -10.60 -0.10 25.21
N THR C 83 -10.64 1.10 24.85
CA THR C 83 -9.58 1.85 24.25
C THR C 83 -9.90 3.34 24.23
N ASN C 84 -8.89 4.19 24.29
CA ASN C 84 -9.27 5.65 24.11
C ASN C 84 -9.30 5.89 22.58
N LEU C 85 -9.64 7.09 22.19
CA LEU C 85 -9.68 7.31 20.72
C LEU C 85 -8.57 8.27 20.33
N PHE C 86 -7.36 7.90 20.58
CA PHE C 86 -6.23 8.77 20.05
C PHE C 86 -5.88 8.03 18.76
N ILE C 87 -6.53 8.43 17.65
CA ILE C 87 -6.30 7.75 16.38
C ILE C 87 -4.87 7.81 15.93
N GLY C 88 -4.05 8.68 16.49
CA GLY C 88 -2.65 8.69 16.02
C GLY C 88 -1.72 7.87 16.89
N ASP C 89 -2.21 7.07 17.77
CA ASP C 89 -1.40 6.35 18.70
C ASP C 89 -1.96 5.07 19.13
N GLY C 90 -1.23 4.24 19.91
CA GLY C 90 -1.96 3.06 20.46
C GLY C 90 -2.54 2.10 19.53
N VAL C 91 -3.70 1.49 19.70
CA VAL C 91 -4.20 0.48 18.71
C VAL C 91 -4.27 1.01 17.29
N PHE C 92 -4.80 2.19 17.08
CA PHE C 92 -5.03 2.83 15.81
C PHE C 92 -3.82 3.09 14.99
N LYS C 93 -2.74 3.25 15.65
CA LYS C 93 -1.51 3.77 15.03
C LYS C 93 -0.95 3.05 13.86
N THR C 94 -1.10 1.77 13.66
CA THR C 94 -0.52 0.97 12.58
C THR C 94 -1.54 0.70 11.49
N THR C 95 -2.78 1.02 11.79
CA THR C 95 -3.85 0.85 10.80
C THR C 95 -3.61 1.86 9.68
N LEU C 96 -4.19 1.65 8.52
CA LEU C 96 -4.02 2.59 7.40
C LEU C 96 -4.50 3.97 7.76
N LEU C 97 -5.60 4.05 8.50
CA LEU C 97 -6.15 5.31 8.95
C LEU C 97 -5.11 5.99 9.86
N GLY C 98 -4.71 5.23 10.84
CA GLY C 98 -3.74 5.77 11.81
C GLY C 98 -2.48 6.25 11.12
N GLU C 99 -2.10 5.49 10.14
CA GLU C 99 -0.84 5.64 9.40
C GLU C 99 -0.87 6.85 8.54
N ILE C 100 -2.02 7.26 8.00
CA ILE C 100 -2.17 8.44 7.16
C ILE C 100 -2.40 9.70 7.98
N VAL C 101 -3.18 9.59 9.01
CA VAL C 101 -3.47 10.67 9.96
C VAL C 101 -2.17 11.26 10.46
N GLN C 102 -1.20 10.41 10.58
CA GLN C 102 0.13 10.77 11.07
C GLN C 102 0.86 11.61 10.06
N TYR C 103 0.46 11.68 8.81
CA TYR C 103 1.11 12.62 7.87
C TYR C 103 0.48 13.98 8.06
N TYR C 104 -0.54 14.12 8.88
CA TYR C 104 -1.14 15.50 9.00
C TYR C 104 -1.18 15.91 10.43
N THR C 105 -1.26 17.21 10.69
CA THR C 105 -1.32 17.70 12.05
C THR C 105 -2.66 17.73 12.72
N HIS C 106 -3.71 18.01 12.02
CA HIS C 106 -5.09 18.18 12.54
C HIS C 106 -6.06 17.24 11.86
N TRP C 107 -7.08 16.75 12.52
CA TRP C 107 -8.08 15.89 11.83
C TRP C 107 -9.44 16.36 12.37
N SER C 108 -10.49 16.13 11.66
CA SER C 108 -11.84 16.41 12.17
C SER C 108 -12.75 15.45 11.43
N GLY C 109 -13.92 15.06 11.92
CA GLY C 109 -14.74 14.12 11.18
C GLY C 109 -15.27 12.94 11.91
N SER C 110 -16.14 12.15 11.14
CA SER C 110 -16.62 10.95 11.93
C SER C 110 -15.86 9.72 11.63
N LEU C 111 -15.73 8.76 12.52
CA LEU C 111 -14.97 7.51 12.31
C LEU C 111 -15.97 6.37 12.18
N ARG C 112 -15.56 5.35 11.40
CA ARG C 112 -16.57 4.22 11.40
C ARG C 112 -15.85 3.05 11.99
N PHE C 113 -16.34 2.51 13.09
CA PHE C 113 -15.76 1.33 13.79
C PHE C 113 -16.64 0.13 13.62
N SER C 114 -16.34 -0.91 12.98
CA SER C 114 -17.22 -2.08 12.81
C SER C 114 -16.59 -3.32 13.40
N LEU C 115 -17.35 -4.31 13.73
CA LEU C 115 -16.91 -5.57 14.37
C LEU C 115 -17.46 -6.70 13.53
N MET C 116 -16.68 -7.63 13.06
CA MET C 116 -17.33 -8.77 12.27
C MET C 116 -17.26 -9.99 13.18
N TYR C 117 -18.33 -10.71 13.41
CA TYR C 117 -18.32 -11.88 14.31
C TYR C 117 -17.92 -13.15 13.57
N THR C 118 -17.08 -14.00 14.18
CA THR C 118 -16.59 -15.21 13.53
C THR C 118 -16.97 -16.51 14.21
N GLY C 119 -17.78 -16.48 15.28
CA GLY C 119 -18.22 -17.71 15.99
C GLY C 119 -19.06 -18.64 15.17
N PRO C 120 -19.18 -19.91 15.63
CA PRO C 120 -20.04 -20.87 14.86
C PRO C 120 -21.38 -20.20 14.54
N ALA C 121 -21.90 -20.59 13.38
CA ALA C 121 -23.21 -20.16 12.98
C ALA C 121 -24.33 -20.50 13.97
N LEU C 122 -24.32 -21.58 14.70
CA LEU C 122 -25.38 -21.98 15.64
C LEU C 122 -25.23 -21.35 17.02
N SER C 123 -24.35 -20.34 17.16
CA SER C 123 -24.23 -19.65 18.45
C SER C 123 -25.00 -18.32 18.39
N SER C 124 -25.04 -17.57 19.46
CA SER C 124 -25.80 -16.28 19.36
C SER C 124 -25.23 -15.33 20.36
N ALA C 125 -25.42 -14.06 20.27
CA ALA C 125 -24.81 -13.15 21.29
C ALA C 125 -25.43 -11.78 21.09
N LYS C 126 -25.46 -10.96 22.10
CA LYS C 126 -25.89 -9.56 22.01
C LYS C 126 -24.82 -8.74 22.80
N LEU C 127 -24.17 -7.84 22.08
CA LEU C 127 -23.18 -6.96 22.59
C LEU C 127 -23.63 -5.52 22.50
N ILE C 128 -23.12 -4.68 23.34
CA ILE C 128 -23.38 -3.20 23.28
C ILE C 128 -22.06 -2.46 23.00
N LEU C 129 -21.96 -1.61 22.02
CA LEU C 129 -20.72 -0.87 21.81
C LEU C 129 -21.05 0.58 22.29
N ALA C 130 -20.17 1.23 22.98
CA ALA C 130 -20.51 2.56 23.49
C ALA C 130 -19.37 3.49 23.16
N TYR C 131 -19.65 4.69 22.69
CA TYR C 131 -18.72 5.78 22.45
C TYR C 131 -18.91 6.77 23.61
N THR C 132 -17.92 7.17 24.31
CA THR C 132 -18.10 8.12 25.47
C THR C 132 -17.46 9.43 25.05
N PRO C 133 -18.18 10.49 24.88
CA PRO C 133 -17.62 11.77 24.36
C PRO C 133 -16.75 12.39 25.44
N PRO C 134 -15.85 13.21 25.03
CA PRO C 134 -14.78 13.78 25.87
C PRO C 134 -15.36 14.39 27.09
N GLY C 135 -14.70 14.29 28.25
CA GLY C 135 -15.32 14.96 29.42
C GLY C 135 -15.64 14.04 30.52
N ALA C 136 -15.86 12.80 30.24
CA ALA C 136 -16.14 11.75 31.30
C ALA C 136 -15.01 10.75 31.26
N ARG C 137 -14.84 9.86 32.18
CA ARG C 137 -13.81 8.83 32.19
C ARG C 137 -14.23 7.64 31.31
N GLY C 138 -13.25 6.79 31.04
CA GLY C 138 -13.67 5.51 30.27
C GLY C 138 -14.71 4.89 31.24
N PRO C 139 -15.81 4.45 30.66
CA PRO C 139 -16.89 3.85 31.50
C PRO C 139 -16.29 2.63 32.20
N GLN C 140 -16.77 2.43 33.38
CA GLN C 140 -16.43 1.34 34.25
C GLN C 140 -17.39 0.22 34.35
N ASP C 141 -18.55 0.27 33.86
CA ASP C 141 -19.56 -0.80 33.85
C ASP C 141 -20.57 -0.36 32.77
N ARG C 142 -21.32 -1.26 32.27
CA ARG C 142 -22.27 -1.02 31.15
C ARG C 142 -23.23 0.06 31.53
N ARG C 143 -23.49 0.18 32.84
CA ARG C 143 -24.59 1.16 33.14
C ARG C 143 -24.00 2.51 32.74
N GLU C 144 -22.77 2.60 33.15
CA GLU C 144 -22.11 3.88 32.87
C GLU C 144 -21.99 4.01 31.38
N ALA C 145 -21.66 2.90 30.71
CA ALA C 145 -21.37 2.96 29.25
C ALA C 145 -22.61 3.29 28.44
N MET C 146 -23.70 2.69 28.80
CA MET C 146 -24.95 2.77 28.03
C MET C 146 -25.51 4.16 28.05
N LEU C 147 -25.08 5.11 28.84
CA LEU C 147 -25.66 6.47 28.85
C LEU C 147 -25.07 7.40 27.77
N GLY C 148 -24.21 6.96 26.93
CA GLY C 148 -23.53 7.71 25.87
C GLY C 148 -23.87 6.96 24.58
N THR C 149 -23.22 7.34 23.50
CA THR C 149 -23.49 6.81 22.16
C THR C 149 -23.32 5.33 22.18
N HIS C 150 -24.32 4.60 21.78
CA HIS C 150 -24.15 3.11 21.89
C HIS C 150 -25.00 2.42 20.86
N VAL C 151 -24.81 1.18 20.50
CA VAL C 151 -25.57 0.38 19.57
C VAL C 151 -25.76 -1.02 20.17
N VAL C 152 -26.94 -1.53 20.40
CA VAL C 152 -27.02 -2.97 20.83
C VAL C 152 -26.84 -3.78 19.57
N TRP C 153 -25.87 -4.60 19.48
CA TRP C 153 -25.60 -5.41 18.25
C TRP C 153 -26.20 -6.77 18.37
N ASP C 154 -27.01 -7.27 17.50
CA ASP C 154 -27.59 -8.65 17.74
C ASP C 154 -26.86 -9.50 16.73
N ILE C 155 -26.13 -10.48 17.14
CA ILE C 155 -25.29 -11.34 16.19
C ILE C 155 -26.20 -12.19 15.41
N GLY C 156 -26.14 -12.05 14.07
CA GLY C 156 -27.06 -12.83 13.25
C GLY C 156 -26.40 -13.22 11.95
N LEU C 157 -27.30 -13.38 10.99
CA LEU C 157 -26.96 -13.74 9.64
C LEU C 157 -26.02 -12.71 9.08
N GLN C 158 -26.38 -11.51 9.20
CA GLN C 158 -25.57 -10.29 8.94
C GLN C 158 -24.48 -10.26 10.01
N SER C 159 -23.27 -10.50 9.47
CA SER C 159 -22.10 -10.77 10.30
C SER C 159 -21.44 -9.58 10.93
N THR C 160 -21.44 -8.41 10.32
CA THR C 160 -20.80 -7.20 10.81
C THR C 160 -21.74 -6.13 11.27
N ILE C 161 -21.36 -5.30 12.18
CA ILE C 161 -22.05 -4.20 12.73
C ILE C 161 -21.10 -2.97 12.55
N VAL C 162 -21.61 -1.90 12.08
CA VAL C 162 -20.88 -0.69 11.83
C VAL C 162 -21.30 0.38 12.80
N MET C 163 -20.49 0.71 13.75
CA MET C 163 -20.74 1.76 14.70
C MET C 163 -20.07 3.03 14.16
N THR C 164 -20.67 4.13 14.28
CA THR C 164 -20.02 5.44 13.81
C THR C 164 -19.64 6.21 15.00
N ILE C 165 -18.49 6.77 15.13
CA ILE C 165 -18.21 7.70 16.33
C ILE C 165 -18.52 9.06 15.80
N PRO C 166 -19.72 9.55 15.95
CA PRO C 166 -20.05 10.89 15.35
C PRO C 166 -19.16 11.95 15.89
N TRP C 167 -18.75 12.92 15.10
CA TRP C 167 -17.90 14.02 15.55
C TRP C 167 -18.61 14.84 16.68
N THR C 168 -18.16 14.62 17.91
CA THR C 168 -18.61 15.38 19.06
C THR C 168 -17.51 16.30 19.53
N SER C 169 -17.62 17.60 19.29
CA SER C 169 -16.52 18.48 19.64
C SER C 169 -16.86 19.92 19.75
N GLY C 170 -16.16 20.61 20.63
CA GLY C 170 -16.33 22.07 20.78
C GLY C 170 -15.50 22.65 19.58
N VAL C 171 -14.21 22.59 19.71
CA VAL C 171 -13.17 22.97 18.78
C VAL C 171 -13.39 22.14 17.52
N GLN C 172 -13.27 22.74 16.37
CA GLN C 172 -13.53 22.01 15.09
C GLN C 172 -12.41 21.21 14.60
N PHE C 173 -11.27 21.21 15.18
CA PHE C 173 -10.16 20.28 14.78
C PHE C 173 -9.49 19.79 16.04
N ARG C 174 -8.98 18.64 15.97
CA ARG C 174 -8.21 18.00 17.06
C ARG C 174 -6.82 17.73 16.51
N TYR C 175 -5.90 17.57 17.40
CA TYR C 175 -4.52 17.16 16.98
C TYR C 175 -4.42 15.67 16.72
N THR C 176 -3.67 15.21 15.70
CA THR C 176 -3.54 13.75 15.50
C THR C 176 -2.62 13.17 16.56
N ASP C 177 -1.62 13.89 16.91
CA ASP C 177 -0.69 13.43 18.04
C ASP C 177 -1.46 13.67 19.29
N PRO C 178 -1.46 12.77 20.23
CA PRO C 178 -2.43 12.83 21.36
C PRO C 178 -2.21 14.09 22.13
N ASP C 179 -3.34 14.75 22.38
CA ASP C 179 -3.36 16.01 23.16
C ASP C 179 -4.61 16.06 24.02
N THR C 180 -4.52 16.63 25.20
CA THR C 180 -5.62 16.59 26.14
C THR C 180 -6.84 17.40 25.79
N TYR C 181 -6.57 18.67 25.56
CA TYR C 181 -7.65 19.65 25.37
C TYR C 181 -8.54 19.14 24.23
N THR C 182 -7.81 18.69 23.23
CA THR C 182 -8.21 18.10 22.00
C THR C 182 -8.55 16.65 22.06
N SER C 183 -8.88 16.07 23.20
CA SER C 183 -9.03 14.57 23.21
C SER C 183 -10.35 14.10 22.76
N ALA C 184 -10.58 12.92 22.19
CA ALA C 184 -11.85 12.53 21.68
C ALA C 184 -12.74 11.60 22.38
N GLY C 185 -12.45 11.06 23.52
CA GLY C 185 -13.36 10.06 24.17
C GLY C 185 -12.81 8.65 24.31
N PHE C 186 -13.68 7.72 24.57
CA PHE C 186 -13.38 6.36 24.75
C PHE C 186 -14.39 5.50 23.98
N LEU C 187 -13.95 4.29 23.74
CA LEU C 187 -14.86 3.33 23.02
C LEU C 187 -14.90 2.09 23.85
N SER C 188 -15.96 1.54 24.33
CA SER C 188 -15.93 0.29 25.13
C SER C 188 -16.94 -0.67 24.55
N CYS C 189 -16.96 -1.94 24.96
CA CYS C 189 -17.95 -2.95 24.42
C CYS C 189 -18.23 -3.93 25.56
N TRP C 190 -19.46 -4.33 25.83
CA TRP C 190 -19.85 -5.18 26.96
C TRP C 190 -20.81 -6.21 26.52
N TYR C 191 -20.99 -7.29 27.23
CA TYR C 191 -22.07 -8.27 26.88
C TYR C 191 -23.40 -7.63 27.16
N GLN C 192 -24.37 -7.72 26.29
CA GLN C 192 -25.70 -7.10 26.48
C GLN C 192 -26.57 -8.18 27.12
N THR C 193 -26.40 -9.36 26.56
CA THR C 193 -26.99 -10.56 27.21
C THR C 193 -25.75 -11.46 27.37
N SER C 194 -25.36 -12.20 26.38
CA SER C 194 -24.11 -13.02 26.61
C SER C 194 -23.87 -13.91 25.46
N LEU C 195 -22.68 -14.43 25.18
CA LEU C 195 -22.46 -15.32 24.01
C LEU C 195 -22.96 -16.72 24.39
N ILE C 196 -23.58 -17.45 23.54
CA ILE C 196 -24.10 -18.83 23.90
C ILE C 196 -23.63 -19.81 22.89
N LEU C 197 -22.86 -20.84 23.16
CA LEU C 197 -22.36 -21.70 22.01
C LEU C 197 -23.30 -22.88 21.86
N PRO C 198 -23.42 -23.43 20.68
CA PRO C 198 -24.27 -24.64 20.52
C PRO C 198 -23.57 -25.80 21.17
N PRO C 199 -24.28 -26.90 21.38
CA PRO C 199 -23.72 -28.14 21.84
C PRO C 199 -22.54 -28.58 20.96
N GLU C 200 -21.68 -29.40 21.54
CA GLU C 200 -20.58 -30.02 20.78
C GLU C 200 -19.58 -28.97 20.40
N THR C 201 -19.68 -27.82 20.99
CA THR C 201 -18.79 -26.70 20.64
C THR C 201 -18.11 -26.15 21.82
N THR C 202 -16.91 -25.63 21.65
CA THR C 202 -16.27 -25.08 22.90
C THR C 202 -15.19 -24.07 22.76
N GLY C 203 -14.96 -23.38 23.90
CA GLY C 203 -13.88 -22.39 23.83
C GLY C 203 -14.23 -20.99 23.51
N GLN C 204 -13.21 -20.23 23.06
CA GLN C 204 -13.37 -18.80 22.77
C GLN C 204 -13.79 -18.58 21.32
N VAL C 205 -14.53 -17.53 21.12
CA VAL C 205 -14.85 -17.15 19.68
C VAL C 205 -14.20 -15.79 19.53
N TYR C 206 -13.89 -15.32 18.32
CA TYR C 206 -13.30 -13.98 18.24
C TYR C 206 -14.06 -13.04 17.35
N LEU C 207 -13.95 -11.77 17.61
CA LEU C 207 -14.48 -10.71 16.76
C LEU C 207 -13.23 -10.11 16.02
N LEU C 208 -13.35 -9.77 14.79
CA LEU C 208 -12.36 -8.97 14.08
C LEU C 208 -12.84 -7.51 14.15
N SER C 209 -11.99 -6.54 14.25
CA SER C 209 -12.56 -5.13 14.30
C SER C 209 -11.90 -4.29 13.24
N PHE C 210 -12.64 -3.43 12.52
CA PHE C 210 -12.00 -2.57 11.50
C PHE C 210 -12.12 -1.10 11.84
N ILE C 211 -11.35 -0.21 11.23
CA ILE C 211 -11.55 1.23 11.33
C ILE C 211 -11.32 1.88 9.93
N SER C 212 -12.13 2.80 9.57
CA SER C 212 -12.09 3.66 8.40
C SER C 212 -12.75 5.00 8.72
N ALA C 213 -12.54 6.01 7.93
CA ALA C 213 -13.08 7.35 8.17
C ALA C 213 -14.36 7.59 7.43
N CYS C 214 -15.29 8.31 7.95
CA CYS C 214 -16.55 8.68 7.22
C CYS C 214 -16.19 9.73 6.19
N PRO C 215 -17.13 10.03 5.29
CA PRO C 215 -16.91 10.96 4.19
C PRO C 215 -16.84 12.37 4.69
N ASP C 216 -17.07 12.71 5.85
CA ASP C 216 -17.14 13.73 6.81
C ASP C 216 -15.80 14.33 7.13
N PHE C 217 -14.80 13.45 7.12
CA PHE C 217 -13.44 13.59 7.55
C PHE C 217 -12.61 14.67 6.92
N LYS C 218 -11.80 15.36 7.62
CA LYS C 218 -10.86 16.36 7.12
C LYS C 218 -9.53 16.16 7.81
N LEU C 219 -8.46 16.32 7.15
CA LEU C 219 -7.06 16.17 7.63
C LEU C 219 -6.36 17.44 7.08
N ARG C 220 -5.53 18.09 7.77
CA ARG C 220 -4.83 19.26 7.27
C ARG C 220 -3.51 19.48 7.96
N LEU C 221 -2.67 20.32 7.34
CA LEU C 221 -1.35 20.73 7.74
C LEU C 221 -0.37 19.53 7.79
N MET C 222 0.10 19.24 6.62
CA MET C 222 1.02 18.07 6.44
C MET C 222 2.31 18.27 7.22
N LYS C 223 2.81 17.18 7.68
CA LYS C 223 4.06 17.08 8.41
C LYS C 223 4.63 15.65 8.28
N ASP C 224 5.75 15.48 8.92
CA ASP C 224 6.53 14.24 8.87
C ASP C 224 6.06 13.22 9.88
N THR C 225 6.15 11.95 9.56
CA THR C 225 5.55 10.89 10.41
C THR C 225 6.61 10.41 11.39
N GLN C 226 6.18 10.14 12.60
CA GLN C 226 7.05 9.55 13.60
C GLN C 226 7.18 8.06 13.23
N THR C 227 6.44 7.58 12.28
CA THR C 227 6.52 6.16 11.98
C THR C 227 7.63 5.69 11.17
N ILE C 228 8.64 6.41 10.84
CA ILE C 228 9.78 5.95 10.03
C ILE C 228 11.00 6.82 10.15
N SER C 229 12.14 6.17 10.32
CA SER C 229 13.39 6.99 10.53
C SER C 229 14.58 6.17 10.06
N GLN C 230 15.77 6.70 10.23
CA GLN C 230 16.92 5.94 9.66
C GLN C 230 18.16 6.50 10.26
N THR C 231 19.25 5.71 10.22
CA THR C 231 20.51 6.25 10.76
C THR C 231 21.53 6.37 9.65
N VAL C 232 21.56 5.60 8.64
CA VAL C 232 22.58 5.97 7.54
C VAL C 232 21.88 5.83 6.24
N ALA C 233 22.40 6.50 5.20
CA ALA C 233 21.62 6.36 3.92
C ALA C 233 21.66 4.90 3.48
N LEU C 234 20.61 4.40 2.90
CA LEU C 234 20.67 3.01 2.36
C LEU C 234 21.48 3.05 1.07
N THR C 235 21.92 1.88 0.67
CA THR C 235 22.61 1.70 -0.65
C THR C 235 22.08 0.46 -1.34
N GLU C 236 22.57 0.22 -2.56
CA GLU C 236 22.01 -0.94 -3.35
C GLU C 236 22.69 -2.21 -2.87
N ILE D 29 1.51 32.58 -16.76
CA ILE D 29 2.49 32.67 -17.90
C ILE D 29 3.63 31.68 -17.91
N ASN D 30 3.68 30.79 -18.88
CA ASN D 30 4.84 29.84 -18.83
C ASN D 30 6.01 30.56 -19.43
N TYR D 31 7.17 30.62 -18.83
CA TYR D 31 8.34 31.25 -19.49
C TYR D 31 9.17 30.30 -20.32
N TYR D 32 8.85 29.04 -20.15
CA TYR D 32 9.63 27.95 -20.73
C TYR D 32 8.81 27.11 -21.68
N LYS D 33 9.53 26.49 -22.62
CA LYS D 33 8.93 25.78 -23.70
C LYS D 33 8.40 24.41 -23.40
N ASP D 34 9.03 23.67 -22.52
CA ASP D 34 8.68 22.28 -22.26
C ASP D 34 7.66 22.12 -21.19
N ALA D 35 6.83 21.07 -21.21
CA ALA D 35 5.78 20.98 -20.17
C ALA D 35 6.32 20.60 -18.83
N ALA D 36 7.50 20.03 -18.78
CA ALA D 36 7.98 19.52 -17.48
C ALA D 36 8.36 20.73 -16.68
N SER D 37 8.36 21.85 -17.42
CA SER D 37 9.05 22.95 -16.63
C SER D 37 8.05 23.76 -15.92
N THR D 38 6.78 23.44 -16.08
CA THR D 38 5.67 24.20 -15.45
C THR D 38 5.52 23.81 -14.00
N SER D 39 4.79 24.64 -13.26
CA SER D 39 4.70 24.40 -11.80
C SER D 39 3.68 23.29 -11.59
N SER D 40 3.49 23.05 -10.30
CA SER D 40 2.70 21.90 -9.80
C SER D 40 1.33 21.93 -10.45
N ALA D 41 0.70 20.75 -10.50
CA ALA D 41 -0.55 20.61 -11.16
C ALA D 41 -1.80 21.15 -10.61
N GLY D 42 -2.25 21.55 -9.48
CA GLY D 42 -3.84 21.92 -9.52
C GLY D 42 -4.57 20.66 -9.08
N GLN D 43 -5.68 20.88 -8.29
CA GLN D 43 -6.29 19.74 -7.54
C GLN D 43 -7.33 18.96 -8.35
N SER D 44 -6.90 17.64 -8.41
CA SER D 44 -7.64 16.65 -9.12
C SER D 44 -9.15 17.00 -9.02
N LEU D 45 -9.34 17.22 -7.70
CA LEU D 45 -10.85 17.49 -7.46
C LEU D 45 -11.59 16.36 -8.25
N SER D 46 -10.84 15.11 -8.17
CA SER D 46 -11.56 13.98 -8.82
C SER D 46 -12.29 13.21 -7.74
N MET D 47 -11.60 12.44 -6.92
CA MET D 47 -12.23 11.82 -5.75
C MET D 47 -13.37 10.87 -5.94
N ASP D 48 -13.11 9.58 -6.00
CA ASP D 48 -14.10 8.54 -6.11
C ASP D 48 -13.60 7.25 -5.47
N PRO D 49 -13.94 7.13 -4.21
CA PRO D 49 -13.43 6.01 -3.42
C PRO D 49 -14.09 4.74 -3.83
N SER D 50 -15.08 4.69 -4.59
CA SER D 50 -15.77 3.40 -4.81
C SER D 50 -14.85 2.42 -5.46
N LYS D 51 -13.87 2.73 -6.22
CA LYS D 51 -13.06 1.59 -6.77
C LYS D 51 -12.38 0.82 -5.64
N PHE D 52 -12.10 1.45 -4.55
CA PHE D 52 -11.47 0.91 -3.35
C PHE D 52 -12.48 0.49 -2.33
N THR D 53 -13.53 1.21 -2.08
CA THR D 53 -14.46 0.84 -0.98
C THR D 53 -15.59 -0.07 -1.36
N GLU D 54 -15.98 -0.19 -2.58
CA GLU D 54 -17.06 -1.00 -3.03
C GLU D 54 -16.79 -1.64 -4.37
N PRO D 55 -15.72 -2.43 -4.46
CA PRO D 55 -15.46 -3.12 -5.73
C PRO D 55 -16.29 -4.37 -5.81
N VAL D 56 -17.55 -4.41 -5.36
CA VAL D 56 -18.31 -5.69 -5.47
C VAL D 56 -18.98 -5.80 -6.82
N LYS D 57 -19.20 -6.99 -7.30
CA LYS D 57 -19.75 -7.25 -8.61
C LYS D 57 -21.22 -6.91 -8.57
N ASP D 58 -22.05 -7.38 -7.70
CA ASP D 58 -23.44 -7.03 -7.61
C ASP D 58 -23.51 -5.94 -6.47
N LEU D 59 -24.09 -4.87 -6.92
CA LEU D 59 -24.29 -3.63 -6.18
C LEU D 59 -24.94 -3.93 -4.82
N MET D 60 -24.44 -3.23 -3.84
CA MET D 60 -25.01 -3.39 -2.48
C MET D 60 -25.71 -2.14 -2.10
N LEU D 61 -27.01 -2.17 -1.73
CA LEU D 61 -27.63 -0.91 -1.22
C LEU D 61 -27.68 -0.77 0.25
N LYS D 62 -27.21 0.33 0.74
CA LYS D 62 -27.16 0.48 2.28
C LYS D 62 -28.50 0.33 2.89
N GLY D 63 -28.77 -0.63 3.77
CA GLY D 63 -30.20 -0.56 4.32
C GLY D 63 -30.86 -1.83 3.85
N ALA D 64 -30.54 -2.22 2.65
CA ALA D 64 -31.00 -3.57 2.22
C ALA D 64 -30.05 -4.55 2.90
N PRO D 65 -30.51 -5.76 3.11
CA PRO D 65 -29.70 -6.83 3.68
C PRO D 65 -28.43 -7.07 2.85
N ALA D 66 -27.34 -7.28 3.51
CA ALA D 66 -26.05 -7.61 2.85
C ALA D 66 -26.15 -8.91 2.07
N LEU D 67 -26.65 -9.94 2.75
CA LEU D 67 -26.73 -11.27 2.05
C LEU D 67 -28.21 -11.66 2.09
N ASN D 68 -28.73 -11.87 0.96
CA ASN D 68 -30.12 -12.19 0.63
C ASN D 68 -30.13 -13.73 0.39
C1 JEN E . 10.90 4.56 -7.51
O2 JEN E . 10.34 5.65 -8.21
C3 JEN E . 11.18 6.51 -8.82
N4 JEN E . 12.42 6.16 -9.04
N5 JEN E . 13.24 7.05 -9.67
C6 JEN E . 12.79 8.23 -10.07
C7 JEN E . 11.45 8.63 -9.81
C8 JEN E . 10.64 7.76 -9.19
N9 JEN E . 13.61 9.03 -10.82
C10 JEN E . 15.05 8.97 -10.57
C11 JEN E . 15.83 9.58 -11.68
N12 JEN E . 15.43 10.98 -11.93
C13 JEN E . 13.98 11.10 -12.08
C14 JEN E . 13.24 10.45 -10.96
C15 JEN E . 16.23 11.74 -12.78
C16 JEN E . 17.29 12.54 -12.34
C17 JEN E . 18.04 13.34 -13.18
C18 JEN E . 17.71 13.38 -14.51
C19 JEN E . 16.69 12.61 -14.99
C20 JEN E . 15.97 11.79 -14.17
C21 JEN E . 19.17 14.16 -12.62
S DMS F . 12.61 2.12 -11.55
O DMS F . 13.32 3.36 -11.07
C1 DMS F . 11.73 1.48 -10.12
C2 DMS F . 11.21 2.68 -12.47
#